data_8IBY
#
_entry.id   8IBY
#
loop_
_entity.id
_entity.type
_entity.pdbx_description
1 polymer "5'ORF RNA"
2 polymer 'Reverse transcriptase-like protein'
3 non-polymer 'ZINC ION'
#
loop_
_entity_poly.entity_id
_entity_poly.type
_entity_poly.pdbx_seq_one_letter_code
_entity_poly.pdbx_strand_id
1 'polyribonucleotide'
;UGUACACGUGGUAAACACGUGACAGCAGCCCCGAUGGACGGACCGCGAGGACCGUCAAGCCUAGCAGGUACCUUCGGGUG
GGGCCUUGCGAUACCUGCGGGCGAACCCUGUGGUCGGGUUUGCAGCCCGGCCACAGUGGGUUUUUUUCCUGUUGCAAAAA
AGUCAAAUAAAGAAAAUAGACCUACUGUGCGGGGUUCCGCCGGCGCUUGGACCUGCCAGUUCUGCG
;
E
2 'polypeptide(L)'
;MMASTALSLMGRCNPDGCTRGKHVTAAPMDGPRGPSSLAGTFGWGLAIPAGEPCGRVCSPATVGFFPVAKKSNKENRPEA
SGLPLESERTGDNPTVRGSAGADPVGQDAPGWTCQFCERTFSTNRGLGVHKRRAHPVETNTDAAPMMVKRRWHGEEIDLL
ARTEARLLAERGQCSGGDLFGALPGFGRTLEAIKGQRRREPYRALVQAHLARFGSQPGPSSGGCSAEPDFRRASGAEEAG
EERCAEDAAAYDPSAVGQMSPDAARVLSELLEGAGRRRACRAMRPKTAGRRNDLHDDRTASAHKTSRQKRRAEYARVQEL
YKKCRSRAAAEVIDGACGGVGHSLEEMETYWRPILERVSDAPGPTPEALHALGRAEWHGGNRDYTQLWKPISVEEIKASR
FDWRTSPGPDGIRSGQWRAVPVHLKAEMFNAWMARGEIPEILRQCRTVFVPKVERPGGPGEYRPISIASIPLRHFHSILA
RRLLACCPPDARQRGFICADGTLENSAVLDAVLGDSRKKLRECHVAVLDFAKAFDTVSHEALVELLRLRGMPEQFCGYIA
HLYDTASTTLAVNNEMSSPVKVGRGVRQGDPLSPILFNVVMDLILASLPERVGYRLEMELVSALAYAYDLVLLAGSKVGM
QESISAVDCVGRQMGLRLNCRKSAVLSMIPDGHRKKHHYLTERTFNIGGKPLRQVSCVERWRYLGVDFEASGCVTLEHSI
SSALNNISRAPLKPQQRLEILRAHLIPRFQHGFVLGNISDDRLRMLDVQIRKAVGQWLRLPADVPKAYYHAAVQDGGLAI
PSVRATIPDLIVRRFGGLDSSPWSVARAAAKSDKIRKKLRWAWKQLRRFSRVDSTTQRPSVRLFWREHLHASVDGRELRE
STRTPTSTKWIRERCAQITGRDFVQFVHTHINALPSRIRGSRGRRGGGESSLTCRAGCKVRETTAHILQQCHRTHGGRIL
RHNKIVSFVAKAMEENKWTVELEPRLRTSVGLRKPAIIASRDGVGVIVDVQVVSGQRSLDELHREKRNKYGNHGELVELV
AGRLGLPKAECVRATSCTISWRGVWSLTSYKELRSIIGLREPTLQIVPILALRGSHMNWTRFNQMTSVMGGGVG
;
C
#
loop_
_chem_comp.id
_chem_comp.type
_chem_comp.name
_chem_comp.formula
A RNA linking ADENOSINE-5'-MONOPHOSPHATE 'C10 H14 N5 O7 P'
C RNA linking CYTIDINE-5'-MONOPHOSPHATE 'C9 H14 N3 O8 P'
G RNA linking GUANOSINE-5'-MONOPHOSPHATE 'C10 H14 N5 O8 P'
U RNA linking URIDINE-5'-MONOPHOSPHATE 'C9 H13 N2 O9 P'
ZN non-polymer 'ZINC ION' 'Zn 2'
#
# COMPACT_ATOMS: atom_id res chain seq x y z
N THR B 305 16.85 -7.94 28.05
CA THR B 305 15.76 -7.19 28.64
C THR B 305 14.72 -6.81 27.59
N SER B 306 13.47 -6.67 28.04
CA SER B 306 12.38 -6.36 27.12
C SER B 306 12.58 -5.00 26.46
N ARG B 307 13.08 -4.02 27.22
CA ARG B 307 13.38 -2.71 26.64
C ARG B 307 14.43 -2.84 25.54
N GLN B 308 15.43 -3.71 25.73
CA GLN B 308 16.46 -3.88 24.72
C GLN B 308 15.90 -4.46 23.43
N LYS B 309 15.04 -5.48 23.52
CA LYS B 309 14.43 -6.03 22.32
C LYS B 309 13.51 -5.03 21.66
N ARG B 310 12.79 -4.23 22.45
CA ARG B 310 11.96 -3.19 21.84
C ARG B 310 12.82 -2.16 21.10
N ARG B 311 13.96 -1.79 21.69
CA ARG B 311 14.90 -0.90 21.03
C ARG B 311 15.37 -1.49 19.70
N ALA B 312 15.81 -2.74 19.73
CA ALA B 312 16.30 -3.39 18.51
C ALA B 312 15.20 -3.50 17.46
N GLU B 313 13.98 -3.84 17.89
CA GLU B 313 12.87 -3.98 16.95
C GLU B 313 12.52 -2.65 16.31
N TYR B 314 12.50 -1.58 17.11
CA TYR B 314 12.23 -0.25 16.56
C TYR B 314 13.30 0.14 15.55
N ALA B 315 14.57 -0.11 15.89
CA ALA B 315 15.64 0.23 14.97
C ALA B 315 15.52 -0.58 13.68
N ARG B 316 15.23 -1.88 13.79
CA ARG B 316 15.14 -2.72 12.62
C ARG B 316 13.98 -2.29 11.72
N VAL B 317 12.82 -2.01 12.32
CA VAL B 317 11.66 -1.63 11.51
C VAL B 317 11.89 -0.27 10.85
N GLN B 318 12.53 0.65 11.56
CA GLN B 318 12.83 1.94 10.94
C GLN B 318 13.81 1.79 9.79
N GLU B 319 14.86 0.98 9.96
CA GLU B 319 15.82 0.78 8.89
C GLU B 319 15.14 0.12 7.68
N LEU B 320 14.31 -0.88 7.94
CA LEU B 320 13.60 -1.54 6.84
C LEU B 320 12.69 -0.56 6.12
N TYR B 321 11.99 0.30 6.86
CA TYR B 321 11.11 1.28 6.24
C TYR B 321 11.91 2.26 5.40
N LYS B 322 13.08 2.68 5.87
CA LYS B 322 13.91 3.57 5.07
C LYS B 322 14.38 2.90 3.80
N LYS B 323 14.77 1.62 3.88
CA LYS B 323 15.32 0.95 2.70
C LYS B 323 14.23 0.54 1.73
N CYS B 324 13.32 -0.33 2.15
CA CYS B 324 12.28 -0.85 1.28
C CYS B 324 10.93 -0.70 1.98
N ARG B 325 10.05 0.10 1.39
CA ARG B 325 8.77 0.41 2.04
C ARG B 325 7.80 -0.77 1.96
N SER B 326 7.75 -1.45 0.82
CA SER B 326 6.72 -2.47 0.61
C SER B 326 6.90 -3.65 1.55
N ARG B 327 8.12 -4.16 1.66
CA ARG B 327 8.37 -5.31 2.53
C ARG B 327 8.11 -4.96 3.98
N ALA B 328 8.55 -3.78 4.42
CA ALA B 328 8.32 -3.35 5.79
C ALA B 328 6.84 -3.22 6.10
N ALA B 329 6.08 -2.63 5.18
CA ALA B 329 4.65 -2.48 5.41
C ALA B 329 3.95 -3.83 5.43
N ALA B 330 4.33 -4.74 4.52
CA ALA B 330 3.71 -6.05 4.49
C ALA B 330 4.04 -6.86 5.74
N GLU B 331 5.24 -6.66 6.31
CA GLU B 331 5.58 -7.33 7.55
C GLU B 331 4.85 -6.71 8.73
N VAL B 332 4.66 -5.40 8.74
CA VAL B 332 4.00 -4.74 9.86
C VAL B 332 2.51 -5.08 9.88
N ILE B 333 1.87 -5.11 8.71
CA ILE B 333 0.42 -5.35 8.66
C ILE B 333 0.10 -6.73 9.21
N ASP B 334 0.87 -7.74 8.81
CA ASP B 334 0.57 -9.11 9.23
C ASP B 334 0.71 -9.29 10.73
N GLY B 335 1.70 -8.65 11.35
CA GLY B 335 1.89 -8.78 12.78
C GLY B 335 3.33 -9.06 13.17
N ALA B 336 4.25 -8.89 12.23
CA ALA B 336 5.68 -9.12 12.51
C ALA B 336 6.30 -7.92 13.20
N CYS B 337 5.69 -7.50 14.32
CA CYS B 337 6.19 -6.37 15.09
C CYS B 337 6.70 -6.75 16.47
N GLY B 338 6.23 -7.87 17.03
CA GLY B 338 6.67 -8.29 18.34
C GLY B 338 7.97 -9.08 18.38
N GLY B 339 8.47 -9.50 17.22
CA GLY B 339 9.69 -10.28 17.20
C GLY B 339 9.48 -11.67 17.79
N VAL B 340 10.60 -12.31 18.12
CA VAL B 340 10.59 -13.66 18.68
C VAL B 340 10.67 -13.57 20.20
N GLY B 341 9.93 -14.44 20.87
CA GLY B 341 9.87 -14.42 22.32
C GLY B 341 10.16 -15.76 22.97
N HIS B 342 10.56 -16.75 22.18
CA HIS B 342 10.86 -18.08 22.71
C HIS B 342 12.35 -18.42 22.64
N SER B 343 13.18 -17.52 22.11
CA SER B 343 14.63 -17.71 22.06
C SER B 343 15.00 -18.96 21.27
N LEU B 344 16.27 -19.38 21.38
CA LEU B 344 16.70 -20.59 20.68
C LEU B 344 16.10 -21.84 21.32
N GLU B 345 15.96 -21.86 22.63
CA GLU B 345 15.40 -23.01 23.31
C GLU B 345 13.94 -23.20 22.93
N GLU B 346 13.51 -24.47 22.95
CA GLU B 346 12.15 -24.89 22.59
C GLU B 346 11.68 -24.31 21.26
N MET B 347 12.63 -23.86 20.43
CA MET B 347 12.34 -23.32 19.12
C MET B 347 13.02 -24.13 18.02
N GLU B 348 14.33 -24.36 18.13
CA GLU B 348 15.00 -25.28 17.22
C GLU B 348 14.46 -26.70 17.39
N THR B 349 14.18 -27.11 18.63
CA THR B 349 13.66 -28.45 18.88
C THR B 349 12.29 -28.66 18.26
N TYR B 350 11.60 -27.59 17.89
CA TYR B 350 10.28 -27.70 17.25
C TYR B 350 10.34 -27.57 15.74
N TRP B 351 11.18 -26.69 15.20
CA TRP B 351 11.21 -26.43 13.77
C TRP B 351 12.29 -27.21 13.04
N ARG B 352 13.38 -27.57 13.70
CA ARG B 352 14.38 -28.43 13.06
C ARG B 352 13.81 -29.79 12.68
N PRO B 353 13.14 -30.55 13.57
CA PRO B 353 12.67 -31.88 13.17
C PRO B 353 11.67 -31.84 12.02
N ILE B 354 10.86 -30.79 11.92
CA ILE B 354 9.86 -30.69 10.87
C ILE B 354 10.44 -30.37 9.51
N LEU B 355 11.74 -30.07 9.45
CA LEU B 355 12.36 -29.66 8.20
C LEU B 355 12.93 -30.84 7.41
N GLU B 356 13.73 -31.69 8.06
CA GLU B 356 14.33 -32.84 7.37
C GLU B 356 13.35 -34.02 7.43
N ARG B 357 12.24 -33.87 6.71
CA ARG B 357 11.22 -34.90 6.63
C ARG B 357 10.87 -35.09 5.15
N VAL B 358 11.58 -36.00 4.49
CA VAL B 358 11.34 -36.27 3.09
C VAL B 358 10.01 -36.98 2.95
N SER B 359 9.12 -36.42 2.14
CA SER B 359 7.82 -37.03 1.90
C SER B 359 7.98 -38.32 1.10
N ASP B 360 7.24 -39.35 1.49
CA ASP B 360 7.29 -40.62 0.79
C ASP B 360 6.31 -40.65 -0.37
N ALA B 361 6.36 -39.64 -1.23
CA ALA B 361 5.44 -39.56 -2.36
C ALA B 361 5.84 -40.56 -3.43
N PRO B 362 4.94 -41.45 -3.86
CA PRO B 362 5.29 -42.40 -4.93
C PRO B 362 5.58 -41.73 -6.26
N GLY B 363 5.12 -40.50 -6.47
CA GLY B 363 5.30 -39.81 -7.73
C GLY B 363 4.12 -39.98 -8.65
N PRO B 364 4.15 -39.30 -9.79
CA PRO B 364 3.05 -39.45 -10.77
C PRO B 364 3.00 -40.87 -11.32
N THR B 365 1.77 -41.31 -11.64
CA THR B 365 1.45 -42.63 -12.17
C THR B 365 1.07 -42.55 -13.64
N PRO B 366 1.22 -43.65 -14.38
CA PRO B 366 0.76 -43.70 -15.76
C PRO B 366 -0.58 -43.02 -16.03
N GLU B 367 -1.55 -43.17 -15.13
CA GLU B 367 -2.83 -42.47 -15.28
C GLU B 367 -2.62 -40.96 -15.25
N ALA B 368 -1.78 -40.48 -14.32
CA ALA B 368 -1.48 -39.05 -14.24
C ALA B 368 -0.74 -38.58 -15.49
N LEU B 369 0.20 -39.38 -16.00
CA LEU B 369 0.91 -39.00 -17.22
C LEU B 369 -0.04 -38.90 -18.40
N HIS B 370 -0.96 -39.87 -18.53
CA HIS B 370 -1.93 -39.83 -19.62
C HIS B 370 -2.88 -38.64 -19.48
N ALA B 371 -3.29 -38.32 -18.25
CA ALA B 371 -4.12 -37.14 -18.05
C ALA B 371 -3.36 -35.87 -18.41
N LEU B 372 -2.07 -35.82 -18.10
CA LEU B 372 -1.25 -34.69 -18.49
C LEU B 372 -1.13 -34.59 -20.01
N GLY B 373 -1.10 -35.73 -20.69
CA GLY B 373 -1.00 -35.75 -22.13
C GLY B 373 -2.26 -35.40 -22.89
N ARG B 374 -3.38 -35.24 -22.18
CA ARG B 374 -4.64 -34.88 -22.81
C ARG B 374 -4.57 -33.49 -23.45
N THR B 385 11.46 -26.77 -25.73
CA THR B 385 12.65 -27.44 -26.25
C THR B 385 13.80 -26.46 -26.40
N GLN B 386 13.49 -25.16 -26.35
CA GLN B 386 14.48 -24.11 -26.49
C GLN B 386 15.14 -23.75 -25.16
N LEU B 387 14.81 -24.44 -24.09
CA LEU B 387 15.34 -24.10 -22.78
C LEU B 387 16.83 -24.43 -22.68
N TRP B 388 17.42 -23.98 -21.58
CA TRP B 388 18.85 -24.04 -21.29
C TRP B 388 19.70 -23.33 -22.33
N LYS B 389 19.11 -22.42 -23.10
CA LYS B 389 19.89 -21.73 -24.12
C LYS B 389 20.94 -20.84 -23.48
N PRO B 390 22.07 -20.63 -24.15
CA PRO B 390 23.13 -19.79 -23.57
C PRO B 390 22.61 -18.40 -23.25
N ILE B 391 23.02 -17.90 -22.10
CA ILE B 391 22.50 -16.61 -21.61
C ILE B 391 23.31 -15.49 -22.24
N SER B 392 22.61 -14.59 -22.93
CA SER B 392 23.24 -13.43 -23.54
C SER B 392 23.17 -12.24 -22.58
N VAL B 393 23.67 -11.10 -23.03
CA VAL B 393 23.72 -9.91 -22.18
C VAL B 393 22.45 -9.06 -22.27
N GLU B 394 21.69 -9.17 -23.36
CA GLU B 394 20.47 -8.38 -23.48
C GLU B 394 19.38 -8.90 -22.55
N GLU B 395 19.26 -10.22 -22.42
CA GLU B 395 18.22 -10.80 -21.57
C GLU B 395 18.44 -10.50 -20.10
N ILE B 396 19.69 -10.23 -19.69
CA ILE B 396 19.98 -9.93 -18.29
C ILE B 396 19.26 -8.66 -17.87
N LYS B 397 19.34 -7.62 -18.70
CA LYS B 397 18.59 -6.40 -18.45
C LYS B 397 17.14 -6.49 -18.94
N ALA B 398 16.82 -7.50 -19.75
CA ALA B 398 15.43 -7.70 -20.15
C ALA B 398 14.59 -8.22 -18.99
N SER B 399 15.23 -8.83 -17.98
CA SER B 399 14.50 -9.31 -16.83
C SER B 399 14.26 -8.19 -15.83
N ARG B 400 13.01 -8.02 -15.41
CA ARG B 400 12.63 -6.98 -14.45
C ARG B 400 12.91 -7.52 -13.05
N PHE B 401 13.79 -6.84 -12.32
CA PHE B 401 14.19 -7.25 -10.98
C PHE B 401 13.97 -6.12 -10.00
N ASP B 402 13.33 -6.44 -8.86
CA ASP B 402 13.11 -5.50 -7.77
C ASP B 402 14.33 -5.53 -6.86
N TRP B 403 15.15 -4.48 -6.92
CA TRP B 403 16.42 -4.47 -6.21
C TRP B 403 16.29 -4.07 -4.74
N ARG B 404 15.15 -3.50 -4.32
CA ARG B 404 14.98 -3.06 -2.94
C ARG B 404 14.57 -4.24 -2.07
N THR B 405 15.51 -5.17 -1.90
CA THR B 405 15.29 -6.37 -1.10
C THR B 405 16.34 -6.51 -0.01
N SER B 406 16.31 -7.62 0.71
CA SER B 406 17.21 -7.84 1.84
C SER B 406 18.49 -8.52 1.39
N PRO B 407 19.61 -8.22 2.05
CA PRO B 407 20.87 -8.91 1.73
C PRO B 407 20.79 -10.40 2.05
N GLY B 408 21.56 -11.18 1.31
CA GLY B 408 21.71 -12.59 1.61
C GLY B 408 22.69 -12.82 2.73
N PRO B 409 22.69 -14.05 3.25
CA PRO B 409 23.65 -14.40 4.31
C PRO B 409 25.09 -14.33 3.86
N ASP B 410 25.35 -14.44 2.54
CA ASP B 410 26.71 -14.33 2.04
C ASP B 410 27.29 -12.94 2.29
N GLY B 411 26.48 -11.90 2.10
CA GLY B 411 26.93 -10.55 2.43
C GLY B 411 26.62 -9.49 1.39
N ILE B 412 26.64 -9.87 0.11
CA ILE B 412 26.37 -8.91 -0.96
C ILE B 412 24.91 -8.48 -0.88
N ARG B 413 24.68 -7.22 -0.49
CA ARG B 413 23.31 -6.71 -0.39
C ARG B 413 22.77 -6.26 -1.74
N SER B 414 23.34 -5.20 -2.32
CA SER B 414 23.04 -4.81 -3.69
C SER B 414 24.23 -4.27 -4.46
N GLY B 415 25.33 -3.88 -3.79
CA GLY B 415 26.38 -3.12 -4.42
C GLY B 415 27.41 -3.95 -5.17
N GLN B 416 27.95 -4.98 -4.52
CA GLN B 416 28.92 -5.84 -5.19
C GLN B 416 28.31 -6.53 -6.40
N TRP B 417 26.99 -6.71 -6.41
CA TRP B 417 26.30 -7.26 -7.56
C TRP B 417 25.92 -6.21 -8.59
N ARG B 418 25.71 -4.96 -8.17
CA ARG B 418 25.43 -3.90 -9.13
C ARG B 418 26.68 -3.44 -9.85
N ALA B 419 27.84 -3.50 -9.19
CA ALA B 419 29.05 -2.93 -9.75
C ALA B 419 29.60 -3.77 -10.90
N VAL B 420 29.45 -5.08 -10.82
CA VAL B 420 30.08 -5.97 -11.82
C VAL B 420 29.41 -5.75 -13.17
N PRO B 421 30.15 -5.82 -14.28
CA PRO B 421 29.55 -5.61 -15.59
C PRO B 421 28.67 -6.78 -16.00
N VAL B 422 27.82 -6.53 -17.00
CA VAL B 422 26.83 -7.52 -17.42
C VAL B 422 27.51 -8.76 -17.99
N HIS B 423 28.59 -8.56 -18.74
CA HIS B 423 29.26 -9.70 -19.37
C HIS B 423 29.80 -10.68 -18.35
N LEU B 424 30.35 -10.16 -17.24
CA LEU B 424 30.89 -11.05 -16.21
C LEU B 424 29.79 -11.92 -15.59
N LYS B 425 28.65 -11.31 -15.27
CA LYS B 425 27.54 -12.10 -14.71
C LYS B 425 27.02 -13.10 -15.71
N ALA B 426 26.92 -12.71 -16.99
CA ALA B 426 26.46 -13.65 -18.01
C ALA B 426 27.40 -14.84 -18.13
N GLU B 427 28.71 -14.58 -18.14
CA GLU B 427 29.67 -15.69 -18.22
C GLU B 427 29.65 -16.53 -16.95
N MET B 428 29.39 -15.91 -15.80
CA MET B 428 29.30 -16.67 -14.55
C MET B 428 28.10 -17.62 -14.58
N PHE B 429 26.95 -17.14 -15.05
CA PHE B 429 25.79 -18.03 -15.18
C PHE B 429 26.03 -19.12 -16.21
N ASN B 430 26.68 -18.77 -17.33
CA ASN B 430 27.01 -19.79 -18.32
C ASN B 430 27.91 -20.88 -17.73
N ALA B 431 28.92 -20.48 -16.97
CA ALA B 431 29.77 -21.46 -16.30
C ALA B 431 29.01 -22.26 -15.27
N TRP B 432 28.08 -21.61 -14.55
CA TRP B 432 27.29 -22.31 -13.53
C TRP B 432 26.44 -23.40 -14.15
N MET B 433 25.82 -23.12 -15.30
CA MET B 433 25.03 -24.17 -15.95
C MET B 433 25.89 -25.18 -16.67
N ALA B 434 27.09 -24.79 -17.14
CA ALA B 434 28.01 -25.78 -17.68
C ALA B 434 28.45 -26.78 -16.62
N ARG B 435 28.77 -26.30 -15.42
CA ARG B 435 29.09 -27.16 -14.30
C ARG B 435 27.85 -27.74 -13.64
N GLY B 436 26.78 -26.94 -13.53
CA GLY B 436 25.59 -27.38 -12.85
C GLY B 436 25.66 -27.36 -11.34
N GLU B 437 26.58 -26.58 -10.77
CA GLU B 437 26.78 -26.55 -9.32
C GLU B 437 26.80 -25.11 -8.85
N ILE B 438 25.81 -24.72 -8.06
CA ILE B 438 25.83 -23.41 -7.40
C ILE B 438 26.76 -23.49 -6.19
N PRO B 439 27.66 -22.52 -6.00
CA PRO B 439 28.56 -22.58 -4.84
C PRO B 439 27.79 -22.59 -3.53
N GLU B 440 28.33 -23.34 -2.55
CA GLU B 440 27.65 -23.49 -1.27
C GLU B 440 27.50 -22.16 -0.55
N ILE B 441 28.51 -21.29 -0.66
CA ILE B 441 28.43 -19.97 -0.02
C ILE B 441 27.26 -19.18 -0.59
N LEU B 442 27.10 -19.20 -1.92
CA LEU B 442 25.96 -18.55 -2.53
C LEU B 442 24.67 -19.35 -2.35
N ARG B 443 24.79 -20.68 -2.25
CA ARG B 443 23.61 -21.51 -2.03
C ARG B 443 23.02 -21.28 -0.64
N GLN B 444 23.87 -20.95 0.34
CA GLN B 444 23.41 -20.81 1.71
C GLN B 444 22.31 -19.76 1.82
N CYS B 445 21.31 -20.05 2.64
CA CYS B 445 20.18 -19.14 2.85
C CYS B 445 19.84 -19.14 4.34
N ARG B 446 19.25 -18.03 4.77
CA ARG B 446 18.86 -17.84 6.16
C ARG B 446 17.35 -17.83 6.29
N THR B 447 16.88 -18.02 7.52
CA THR B 447 15.45 -18.04 7.79
C THR B 447 15.16 -17.33 9.10
N VAL B 448 14.35 -16.27 9.03
CA VAL B 448 13.88 -15.55 10.20
C VAL B 448 12.50 -16.07 10.55
N PHE B 449 12.07 -15.77 11.78
CA PHE B 449 10.81 -16.28 12.30
C PHE B 449 9.83 -15.12 12.50
N VAL B 450 8.57 -15.37 12.19
CA VAL B 450 7.52 -14.36 12.25
C VAL B 450 6.34 -14.93 13.02
N PRO B 451 5.94 -14.33 14.14
CA PRO B 451 4.71 -14.78 14.81
C PRO B 451 3.49 -14.51 13.95
N LYS B 452 2.48 -15.37 14.10
CA LYS B 452 1.23 -15.22 13.35
C LYS B 452 0.21 -14.38 14.11
N VAL B 453 -0.18 -14.83 15.30
CA VAL B 453 -1.09 -14.07 16.15
C VAL B 453 -0.27 -13.07 16.95
N GLU B 454 -0.88 -11.93 17.29
CA GLU B 454 -0.17 -10.83 17.94
C GLU B 454 0.44 -11.24 19.27
N ARG B 455 -0.06 -12.31 19.90
CA ARG B 455 0.50 -12.80 21.15
C ARG B 455 1.01 -14.22 20.96
N PRO B 456 2.30 -14.41 20.67
CA PRO B 456 2.82 -15.78 20.51
C PRO B 456 2.67 -16.59 21.79
N GLY B 457 2.33 -17.86 21.62
CA GLY B 457 2.17 -18.76 22.74
C GLY B 457 3.03 -20.01 22.64
N GLY B 458 3.45 -20.36 21.42
CA GLY B 458 4.25 -21.54 21.21
C GLY B 458 5.03 -21.50 19.93
N PRO B 459 6.06 -22.37 19.82
CA PRO B 459 6.88 -22.38 18.60
C PRO B 459 6.11 -22.76 17.35
N GLY B 460 4.96 -23.43 17.48
CA GLY B 460 4.17 -23.80 16.32
C GLY B 460 3.30 -22.70 15.78
N GLU B 461 3.32 -21.52 16.40
CA GLU B 461 2.52 -20.39 15.99
C GLU B 461 3.33 -19.38 15.16
N TYR B 462 4.58 -19.70 14.86
CA TYR B 462 5.44 -18.84 14.06
C TYR B 462 5.44 -19.28 12.60
N ARG B 463 6.31 -18.65 11.82
CA ARG B 463 6.43 -18.90 10.40
C ARG B 463 7.88 -18.78 9.97
N PRO B 464 8.43 -19.76 9.25
CA PRO B 464 9.83 -19.71 8.80
C PRO B 464 10.05 -19.05 7.44
N ILE B 465 10.05 -17.72 7.43
CA ILE B 465 10.33 -16.99 6.20
C ILE B 465 11.80 -17.13 5.86
N SER B 466 12.09 -17.61 4.66
CA SER B 466 13.46 -17.91 4.23
C SER B 466 13.88 -16.94 3.13
N ILE B 467 15.08 -16.39 3.27
CA ILE B 467 15.65 -15.46 2.29
C ILE B 467 16.92 -16.08 1.72
N ALA B 468 17.00 -16.14 0.39
CA ALA B 468 18.14 -16.70 -0.30
C ALA B 468 19.05 -15.59 -0.83
N SER B 469 20.15 -15.99 -1.47
CA SER B 469 21.12 -15.03 -1.96
C SER B 469 20.59 -14.28 -3.18
N ILE B 470 21.04 -13.03 -3.32
CA ILE B 470 20.66 -12.16 -4.42
C ILE B 470 21.10 -12.74 -5.76
N PRO B 471 22.35 -13.20 -5.92
CA PRO B 471 22.71 -13.79 -7.22
C PRO B 471 21.85 -14.98 -7.60
N LEU B 472 21.48 -15.82 -6.63
CA LEU B 472 20.62 -16.96 -6.95
C LEU B 472 19.23 -16.50 -7.36
N ARG B 473 18.69 -15.49 -6.69
CA ARG B 473 17.38 -14.96 -7.08
C ARG B 473 17.41 -14.39 -8.49
N HIS B 474 18.47 -13.64 -8.81
CA HIS B 474 18.61 -13.12 -10.18
C HIS B 474 18.74 -14.25 -11.19
N PHE B 475 19.52 -15.27 -10.86
CA PHE B 475 19.77 -16.36 -11.80
C PHE B 475 18.50 -17.17 -12.04
N HIS B 476 17.66 -17.32 -11.01
CA HIS B 476 16.39 -18.02 -11.16
C HIS B 476 15.30 -17.16 -11.79
N SER B 477 15.39 -15.83 -11.70
CA SER B 477 14.35 -15.00 -12.30
C SER B 477 14.31 -15.16 -13.80
N ILE B 478 15.48 -15.20 -14.46
CA ILE B 478 15.51 -15.37 -15.90
C ILE B 478 15.01 -16.76 -16.29
N LEU B 479 15.31 -17.77 -15.47
CA LEU B 479 14.79 -19.10 -15.74
C LEU B 479 13.26 -19.12 -15.62
N ALA B 480 12.71 -18.42 -14.63
CA ALA B 480 11.26 -18.34 -14.51
C ALA B 480 10.64 -17.62 -15.70
N ARG B 481 11.29 -16.55 -16.17
CA ARG B 481 10.81 -15.86 -17.35
C ARG B 481 10.84 -16.77 -18.57
N ARG B 482 11.92 -17.56 -18.72
CA ARG B 482 12.01 -18.50 -19.82
C ARG B 482 10.91 -19.56 -19.76
N LEU B 483 10.63 -20.07 -18.55
CA LEU B 483 9.57 -21.05 -18.40
C LEU B 483 8.21 -20.46 -18.74
N LEU B 484 7.95 -19.23 -18.31
CA LEU B 484 6.68 -18.58 -18.62
C LEU B 484 6.54 -18.34 -20.12
N ALA B 485 7.61 -17.92 -20.78
CA ALA B 485 7.53 -17.63 -22.21
C ALA B 485 7.45 -18.89 -23.05
N CYS B 486 8.14 -19.96 -22.65
CA CYS B 486 8.22 -21.16 -23.49
C CYS B 486 6.95 -22.00 -23.38
N CYS B 487 6.52 -22.30 -22.15
CA CYS B 487 5.39 -23.18 -21.89
C CYS B 487 4.39 -22.43 -21.02
N PRO B 488 3.50 -21.64 -21.62
CA PRO B 488 2.51 -20.92 -20.82
C PRO B 488 1.50 -21.88 -20.21
N PRO B 489 0.91 -21.54 -19.08
CA PRO B 489 -0.06 -22.45 -18.45
C PRO B 489 -1.38 -22.52 -19.18
N ASP B 490 -2.31 -23.29 -18.63
CA ASP B 490 -3.65 -23.38 -19.21
C ASP B 490 -4.41 -22.08 -18.99
N ALA B 491 -5.38 -21.83 -19.88
CA ALA B 491 -6.21 -20.64 -19.75
C ALA B 491 -7.04 -20.67 -18.48
N ARG B 492 -7.35 -21.87 -17.97
CA ARG B 492 -8.06 -21.98 -16.71
C ARG B 492 -7.25 -21.42 -15.55
N GLN B 493 -5.93 -21.59 -15.59
CA GLN B 493 -5.05 -21.09 -14.54
C GLN B 493 -4.98 -19.58 -14.62
N ARG B 494 -5.73 -18.90 -13.76
CA ARG B 494 -5.76 -17.44 -13.69
C ARG B 494 -5.20 -16.96 -12.35
N GLY B 495 -4.17 -17.63 -11.86
CA GLY B 495 -3.53 -17.24 -10.62
C GLY B 495 -2.24 -16.47 -10.88
N PHE B 496 -1.13 -17.20 -10.94
CA PHE B 496 0.15 -16.62 -11.32
C PHE B 496 0.18 -16.47 -12.84
N ILE B 497 -0.44 -15.38 -13.31
CA ILE B 497 -0.55 -15.08 -14.73
C ILE B 497 -0.07 -13.66 -14.97
N CYS B 498 0.18 -13.35 -16.25
CA CYS B 498 0.70 -12.04 -16.62
C CYS B 498 -0.25 -10.93 -16.22
N ALA B 499 -1.54 -11.12 -16.45
CA ALA B 499 -2.54 -10.13 -16.10
C ALA B 499 -2.88 -10.25 -14.63
N ASP B 500 -3.87 -9.47 -14.17
CA ASP B 500 -4.33 -9.58 -12.79
C ASP B 500 -4.98 -10.94 -12.57
N GLY B 501 -4.59 -11.61 -11.49
CA GLY B 501 -5.07 -12.94 -11.19
C GLY B 501 -6.57 -13.00 -10.93
N THR B 502 -7.02 -12.39 -9.85
CA THR B 502 -8.43 -12.41 -9.48
C THR B 502 -9.21 -11.35 -10.23
N LEU B 503 -9.05 -11.31 -11.57
CA LEU B 503 -9.73 -10.32 -12.39
C LEU B 503 -11.10 -10.84 -12.82
N GLU B 504 -11.13 -11.95 -13.55
CA GLU B 504 -12.37 -12.54 -14.01
C GLU B 504 -12.87 -13.66 -13.10
N ASN B 505 -12.01 -14.17 -12.22
CA ASN B 505 -12.44 -15.24 -11.33
C ASN B 505 -13.51 -14.77 -10.37
N SER B 506 -13.44 -13.52 -9.92
CA SER B 506 -14.49 -12.96 -9.09
C SER B 506 -15.81 -12.88 -9.85
N ALA B 507 -15.76 -12.47 -11.11
CA ALA B 507 -16.99 -12.31 -11.88
C ALA B 507 -17.61 -13.65 -12.24
N VAL B 508 -16.77 -14.66 -12.49
CA VAL B 508 -17.30 -15.96 -12.91
C VAL B 508 -18.08 -16.61 -11.78
N LEU B 509 -17.53 -16.58 -10.56
CA LEU B 509 -18.24 -17.15 -9.42
C LEU B 509 -19.56 -16.42 -9.19
N ASP B 510 -19.54 -15.10 -9.31
CA ASP B 510 -20.76 -14.33 -9.10
C ASP B 510 -21.81 -14.65 -10.15
N ALA B 511 -21.39 -14.79 -11.41
CA ALA B 511 -22.32 -15.14 -12.47
C ALA B 511 -22.90 -16.54 -12.24
N VAL B 512 -22.06 -17.47 -11.80
CA VAL B 512 -22.52 -18.83 -11.51
C VAL B 512 -23.56 -18.81 -10.40
N LEU B 513 -23.27 -18.07 -9.32
CA LEU B 513 -24.20 -17.96 -8.20
C LEU B 513 -25.51 -17.31 -8.63
N GLY B 514 -25.45 -16.28 -9.46
CA GLY B 514 -26.66 -15.65 -9.96
C GLY B 514 -27.48 -16.59 -10.83
N ASP B 515 -26.82 -17.34 -11.71
CA ASP B 515 -27.53 -18.25 -12.59
C ASP B 515 -28.20 -19.37 -11.80
N SER B 516 -27.49 -19.95 -10.84
CA SER B 516 -28.05 -21.05 -10.06
C SER B 516 -29.27 -20.60 -9.27
N ARG B 517 -29.28 -19.35 -8.83
CA ARG B 517 -30.46 -18.80 -8.17
C ARG B 517 -31.57 -18.46 -9.16
N LYS B 518 -31.19 -18.05 -10.38
CA LYS B 518 -32.19 -17.63 -11.37
C LYS B 518 -32.96 -18.82 -11.92
N LYS B 519 -32.27 -19.75 -12.57
CA LYS B 519 -32.94 -20.88 -13.19
C LYS B 519 -33.05 -22.09 -12.26
N LEU B 520 -32.83 -21.88 -10.96
CA LEU B 520 -33.00 -22.92 -9.95
C LEU B 520 -32.17 -24.16 -10.28
N ARG B 521 -30.97 -23.93 -10.80
CA ARG B 521 -30.09 -25.02 -11.16
C ARG B 521 -29.31 -25.52 -9.95
N GLU B 522 -29.07 -26.84 -9.94
CA GLU B 522 -28.31 -27.48 -8.88
C GLU B 522 -26.85 -27.12 -9.01
N CYS B 523 -26.28 -26.54 -7.96
CA CYS B 523 -24.91 -26.09 -7.96
C CYS B 523 -24.22 -26.46 -6.65
N HIS B 524 -22.94 -26.81 -6.75
CA HIS B 524 -22.10 -27.00 -5.58
C HIS B 524 -20.71 -26.47 -5.90
N VAL B 525 -20.30 -25.43 -5.19
CA VAL B 525 -19.00 -24.80 -5.39
C VAL B 525 -18.18 -25.00 -4.12
N ALA B 526 -16.97 -25.51 -4.28
CA ALA B 526 -16.10 -25.84 -3.15
C ALA B 526 -14.82 -25.04 -3.26
N VAL B 527 -14.35 -24.52 -2.12
CA VAL B 527 -13.08 -23.82 -2.04
C VAL B 527 -12.14 -24.60 -1.14
N LEU B 528 -10.96 -24.91 -1.64
CA LEU B 528 -9.95 -25.65 -0.89
C LEU B 528 -8.59 -25.05 -1.20
N ASP B 529 -7.81 -24.78 -0.15
CA ASP B 529 -6.60 -24.00 -0.30
C ASP B 529 -5.34 -24.86 -0.23
N PHE B 530 -4.26 -24.32 -0.80
CA PHE B 530 -2.98 -25.00 -0.84
C PHE B 530 -2.07 -24.43 0.25
N ALA B 531 -2.40 -24.77 1.48
CA ALA B 531 -1.55 -24.44 2.61
C ALA B 531 -0.48 -25.52 2.77
N LYS B 532 0.66 -25.13 3.33
CA LYS B 532 1.85 -25.98 3.40
C LYS B 532 2.26 -26.50 2.02
N ALA B 533 1.71 -25.90 0.96
CA ALA B 533 2.15 -26.23 -0.38
C ALA B 533 3.63 -25.93 -0.57
N PHE B 534 4.14 -24.95 0.17
CA PHE B 534 5.58 -24.74 0.23
C PHE B 534 6.25 -25.90 0.96
N ASP B 535 5.58 -26.45 1.98
CA ASP B 535 6.16 -27.41 2.89
C ASP B 535 5.72 -28.84 2.62
N THR B 536 5.28 -29.15 1.41
CA THR B 536 4.80 -30.50 1.14
C THR B 536 5.26 -31.10 -0.18
N VAL B 537 5.90 -30.35 -1.06
CA VAL B 537 6.30 -30.89 -2.36
C VAL B 537 7.56 -31.72 -2.18
N SER B 538 7.48 -32.99 -2.58
CA SER B 538 8.63 -33.87 -2.49
C SER B 538 9.63 -33.57 -3.62
N HIS B 539 10.92 -33.70 -3.29
CA HIS B 539 11.97 -33.44 -4.27
C HIS B 539 11.87 -34.42 -5.44
N GLU B 540 11.84 -35.72 -5.14
CA GLU B 540 11.84 -36.72 -6.19
C GLU B 540 10.59 -36.62 -7.05
N ALA B 541 9.44 -36.33 -6.44
CA ALA B 541 8.20 -36.22 -7.20
C ALA B 541 8.28 -35.08 -8.21
N LEU B 542 8.75 -33.91 -7.77
CA LEU B 542 8.88 -32.78 -8.69
C LEU B 542 9.92 -33.05 -9.77
N VAL B 543 11.03 -33.70 -9.40
CA VAL B 543 12.05 -34.01 -10.39
C VAL B 543 11.51 -34.95 -11.45
N GLU B 544 10.79 -35.99 -11.04
CA GLU B 544 10.19 -36.91 -12.00
C GLU B 544 9.14 -36.21 -12.85
N LEU B 545 8.35 -35.31 -12.25
CA LEU B 545 7.34 -34.59 -13.01
C LEU B 545 8.00 -33.75 -14.10
N LEU B 546 9.07 -33.03 -13.76
CA LEU B 546 9.76 -32.24 -14.77
C LEU B 546 10.44 -33.12 -15.81
N ARG B 547 10.93 -34.29 -15.39
CA ARG B 547 11.54 -35.22 -16.34
C ARG B 547 10.52 -35.72 -17.35
N LEU B 548 9.31 -36.04 -16.91
CA LEU B 548 8.27 -36.55 -17.78
C LEU B 548 7.46 -35.46 -18.46
N ARG B 549 7.74 -34.19 -18.16
CA ARG B 549 7.06 -33.10 -18.84
C ARG B 549 7.61 -32.85 -20.24
N GLY B 550 8.79 -33.39 -20.55
CA GLY B 550 9.43 -33.13 -21.82
C GLY B 550 10.54 -32.10 -21.78
N MET B 551 10.76 -31.47 -20.63
CA MET B 551 11.84 -30.52 -20.48
C MET B 551 13.18 -31.27 -20.49
N PRO B 552 14.28 -30.58 -20.77
CA PRO B 552 15.58 -31.27 -20.82
C PRO B 552 15.88 -31.99 -19.51
N GLU B 553 16.42 -33.21 -19.63
CA GLU B 553 16.67 -34.04 -18.46
C GLU B 553 17.77 -33.46 -17.58
N GLN B 554 18.75 -32.78 -18.18
CA GLN B 554 19.82 -32.20 -17.39
C GLN B 554 19.34 -31.00 -16.60
N PHE B 555 18.31 -30.29 -17.09
CA PHE B 555 17.67 -29.25 -16.29
C PHE B 555 17.07 -29.86 -15.02
N CYS B 556 16.39 -30.99 -15.16
CA CYS B 556 15.85 -31.68 -14.00
C CYS B 556 16.96 -32.16 -13.08
N GLY B 557 18.06 -32.64 -13.65
CA GLY B 557 19.19 -33.04 -12.83
C GLY B 557 19.78 -31.88 -12.04
N TYR B 558 19.85 -30.71 -12.67
CA TYR B 558 20.34 -29.52 -11.99
C TYR B 558 19.39 -29.12 -10.85
N ILE B 559 18.09 -29.20 -11.09
CA ILE B 559 17.13 -28.90 -10.04
C ILE B 559 17.26 -29.90 -8.89
N ALA B 560 17.44 -31.18 -9.22
CA ALA B 560 17.60 -32.20 -8.19
C ALA B 560 18.88 -31.98 -7.38
N HIS B 561 19.96 -31.56 -8.05
CA HIS B 561 21.18 -31.26 -7.33
C HIS B 561 21.02 -30.01 -6.46
N LEU B 562 20.25 -29.04 -6.94
CA LEU B 562 19.98 -27.84 -6.15
C LEU B 562 19.20 -28.17 -4.89
N TYR B 563 18.21 -29.05 -5.00
CA TYR B 563 17.34 -29.33 -3.86
C TYR B 563 17.93 -30.37 -2.92
N ASP B 564 18.61 -31.38 -3.45
CA ASP B 564 19.20 -32.42 -2.61
C ASP B 564 20.33 -31.87 -1.75
N THR B 565 21.12 -30.96 -2.31
CA THR B 565 22.20 -30.30 -1.57
C THR B 565 21.68 -28.93 -1.13
N ALA B 566 20.95 -28.94 0.00
CA ALA B 566 20.35 -27.72 0.51
C ALA B 566 20.57 -27.64 2.01
N SER B 567 20.51 -26.42 2.54
CA SER B 567 20.73 -26.18 3.95
C SER B 567 19.99 -24.90 4.33
N THR B 568 19.81 -24.70 5.64
CA THR B 568 19.09 -23.55 6.15
C THR B 568 19.70 -23.15 7.48
N THR B 569 19.85 -21.84 7.68
CA THR B 569 20.44 -21.31 8.91
C THR B 569 19.35 -20.65 9.75
N LEU B 570 19.35 -20.97 11.05
CA LEU B 570 18.37 -20.42 11.98
C LEU B 570 18.98 -19.18 12.63
N ALA B 571 18.40 -18.01 12.34
CA ALA B 571 18.85 -16.74 12.89
C ALA B 571 17.73 -16.19 13.75
N VAL B 572 17.72 -16.58 15.02
CA VAL B 572 16.73 -16.12 15.99
C VAL B 572 17.46 -15.30 17.05
N ASN B 573 17.00 -14.07 17.26
CA ASN B 573 17.63 -13.14 18.20
C ASN B 573 19.12 -13.00 17.92
N ASN B 574 19.45 -12.85 16.63
CA ASN B 574 20.82 -12.66 16.14
C ASN B 574 21.77 -13.75 16.66
N GLU B 575 21.23 -14.93 16.96
CA GLU B 575 22.03 -16.05 17.44
C GLU B 575 22.27 -17.02 16.29
N MET B 576 23.55 -17.36 16.08
CA MET B 576 23.91 -18.27 15.02
C MET B 576 23.48 -19.69 15.35
N SER B 577 23.15 -20.45 14.30
CA SER B 577 22.75 -21.85 14.46
C SER B 577 23.33 -22.66 13.31
N SER B 578 23.49 -23.95 13.55
CA SER B 578 24.05 -24.84 12.55
C SER B 578 23.08 -25.02 11.39
N PRO B 579 23.58 -25.31 10.18
CA PRO B 579 22.68 -25.55 9.05
C PRO B 579 21.82 -26.77 9.28
N VAL B 580 20.60 -26.72 8.74
CA VAL B 580 19.61 -27.78 8.93
C VAL B 580 19.14 -28.25 7.55
N LYS B 581 19.03 -29.56 7.38
CA LYS B 581 18.56 -30.13 6.13
C LYS B 581 17.06 -29.91 5.95
N VAL B 582 16.65 -29.80 4.70
CA VAL B 582 15.24 -29.65 4.33
C VAL B 582 14.85 -30.85 3.47
N GLY B 583 13.75 -31.52 3.85
CA GLY B 583 13.32 -32.72 3.17
C GLY B 583 12.22 -32.50 2.15
N ARG B 584 11.65 -31.31 2.11
CA ARG B 584 10.56 -30.99 1.20
C ARG B 584 10.89 -29.75 0.39
N GLY B 585 10.56 -29.78 -0.90
CA GLY B 585 11.00 -28.78 -1.84
C GLY B 585 10.08 -27.57 -1.88
N VAL B 586 10.33 -26.72 -2.88
CA VAL B 586 9.61 -25.46 -3.10
C VAL B 586 9.81 -24.55 -1.90
N ARG B 587 10.78 -23.63 -2.02
CA ARG B 587 11.08 -22.70 -0.94
C ARG B 587 10.39 -21.36 -1.18
N GLN B 588 10.07 -20.70 -0.08
CA GLN B 588 9.27 -19.48 -0.15
C GLN B 588 10.17 -18.32 -0.59
N GLY B 589 9.68 -17.51 -1.52
CA GLY B 589 10.38 -16.33 -1.99
C GLY B 589 11.20 -16.52 -3.24
N ASP B 590 11.54 -17.76 -3.59
CA ASP B 590 12.33 -18.01 -4.78
C ASP B 590 11.48 -17.73 -6.02
N PRO B 591 12.03 -17.04 -7.02
CA PRO B 591 11.23 -16.72 -8.21
C PRO B 591 10.85 -17.94 -9.03
N LEU B 592 11.54 -19.07 -8.86
CA LEU B 592 11.16 -20.30 -9.55
C LEU B 592 10.03 -21.04 -8.85
N SER B 593 9.79 -20.77 -7.57
CA SER B 593 8.74 -21.48 -6.84
C SER B 593 7.35 -21.29 -7.41
N PRO B 594 6.86 -20.07 -7.68
CA PRO B 594 5.49 -19.94 -8.17
C PRO B 594 5.29 -20.35 -9.62
N ILE B 595 6.37 -20.62 -10.34
CA ILE B 595 6.29 -21.18 -11.68
C ILE B 595 6.40 -22.70 -11.66
N LEU B 596 7.31 -23.23 -10.83
CA LEU B 596 7.37 -24.68 -10.65
C LEU B 596 6.07 -25.22 -10.09
N PHE B 597 5.50 -24.55 -9.09
CA PHE B 597 4.21 -24.96 -8.55
C PHE B 597 3.10 -24.80 -9.57
N ASN B 598 3.27 -23.92 -10.55
CA ASN B 598 2.30 -23.81 -11.63
C ASN B 598 2.27 -25.08 -12.49
N VAL B 599 3.40 -25.78 -12.59
CA VAL B 599 3.40 -27.05 -13.29
C VAL B 599 2.58 -28.09 -12.53
N VAL B 600 2.67 -28.06 -11.20
CA VAL B 600 1.85 -28.95 -10.38
C VAL B 600 0.37 -28.59 -10.55
N MET B 601 0.08 -27.29 -10.64
CA MET B 601 -1.30 -26.87 -10.95
C MET B 601 -1.75 -27.41 -12.30
N ASP B 602 -0.87 -27.35 -13.31
CA ASP B 602 -1.22 -27.88 -14.62
C ASP B 602 -1.54 -29.36 -14.52
N LEU B 603 -0.71 -30.12 -13.79
CA LEU B 603 -0.95 -31.54 -13.62
C LEU B 603 -2.28 -31.80 -12.92
N ILE B 604 -2.55 -31.11 -11.81
CA ILE B 604 -3.76 -31.39 -11.04
C ILE B 604 -4.99 -31.02 -11.85
N LEU B 605 -4.91 -29.93 -12.63
CA LEU B 605 -6.02 -29.58 -13.50
C LEU B 605 -6.23 -30.62 -14.58
N ALA B 606 -5.14 -31.16 -15.13
CA ALA B 606 -5.25 -32.17 -16.19
C ALA B 606 -5.78 -33.49 -15.67
N SER B 607 -5.68 -33.76 -14.36
CA SER B 607 -6.18 -34.99 -13.79
C SER B 607 -7.66 -34.91 -13.41
N LEU B 608 -8.29 -33.75 -13.57
CA LEU B 608 -9.70 -33.62 -13.28
C LEU B 608 -10.53 -34.49 -14.23
N PRO B 609 -11.65 -35.02 -13.76
CA PRO B 609 -12.54 -35.77 -14.66
C PRO B 609 -13.06 -34.87 -15.77
N GLU B 610 -13.31 -35.49 -16.92
CA GLU B 610 -13.57 -34.73 -18.14
C GLU B 610 -14.95 -34.09 -18.12
N ARG B 611 -16.00 -34.91 -18.07
CA ARG B 611 -17.38 -34.40 -18.14
C ARG B 611 -17.92 -34.13 -16.73
N VAL B 612 -17.56 -32.97 -16.20
CA VAL B 612 -18.04 -32.51 -14.91
C VAL B 612 -17.83 -31.00 -14.83
N GLY B 613 -18.83 -30.31 -14.29
CA GLY B 613 -18.77 -28.88 -14.12
C GLY B 613 -20.17 -28.29 -14.13
N TYR B 614 -20.23 -26.97 -14.20
CA TYR B 614 -21.48 -26.24 -14.23
C TYR B 614 -21.65 -25.60 -15.60
N ARG B 615 -22.80 -25.86 -16.23
CA ARG B 615 -23.09 -25.35 -17.57
C ARG B 615 -23.59 -23.91 -17.44
N LEU B 616 -22.71 -22.94 -17.66
CA LEU B 616 -23.06 -21.53 -17.58
C LEU B 616 -23.12 -20.99 -19.01
N GLU B 617 -24.33 -20.94 -19.56
CA GLU B 617 -24.58 -20.42 -20.91
C GLU B 617 -23.70 -21.12 -21.94
N MET B 618 -23.90 -22.44 -22.03
CA MET B 618 -23.29 -23.31 -23.04
C MET B 618 -21.80 -23.49 -22.70
N GLU B 619 -21.31 -22.77 -21.70
CA GLU B 619 -19.92 -22.85 -21.28
C GLU B 619 -19.82 -23.70 -20.03
N LEU B 620 -18.81 -24.58 -19.99
CA LEU B 620 -18.59 -25.48 -18.87
C LEU B 620 -17.47 -24.93 -18.01
N VAL B 621 -17.79 -24.62 -16.75
CA VAL B 621 -16.82 -24.11 -15.78
C VAL B 621 -16.66 -25.15 -14.68
N SER B 622 -15.43 -25.57 -14.43
CA SER B 622 -15.14 -26.56 -13.40
C SER B 622 -14.18 -26.04 -12.33
N ALA B 623 -13.07 -25.42 -12.73
CA ALA B 623 -12.08 -24.96 -11.76
C ALA B 623 -11.56 -23.59 -12.15
N LEU B 624 -11.37 -22.74 -11.15
CA LEU B 624 -10.77 -21.41 -11.32
C LEU B 624 -9.64 -21.29 -10.31
N ALA B 625 -8.42 -21.61 -10.73
CA ALA B 625 -7.28 -21.58 -9.82
C ALA B 625 -7.00 -20.15 -9.38
N TYR B 626 -6.96 -19.94 -8.08
CA TYR B 626 -6.58 -18.65 -7.50
C TYR B 626 -5.07 -18.67 -7.25
N ALA B 627 -4.57 -17.69 -6.49
CA ALA B 627 -3.14 -17.63 -6.22
C ALA B 627 -2.64 -18.90 -5.58
N TYR B 628 -3.26 -19.31 -4.47
CA TYR B 628 -2.93 -20.56 -3.82
C TYR B 628 -4.18 -21.28 -3.35
N ASP B 629 -5.21 -21.30 -4.20
CA ASP B 629 -6.47 -21.96 -3.91
C ASP B 629 -6.88 -22.81 -5.11
N LEU B 630 -8.05 -23.43 -5.00
CA LEU B 630 -8.60 -24.22 -6.10
C LEU B 630 -10.10 -24.29 -5.90
N VAL B 631 -10.84 -23.44 -6.60
CA VAL B 631 -12.29 -23.36 -6.45
C VAL B 631 -12.89 -24.30 -7.50
N LEU B 632 -13.30 -25.48 -7.07
CA LEU B 632 -13.93 -26.45 -7.95
C LEU B 632 -15.44 -26.26 -7.94
N LEU B 633 -16.07 -26.54 -9.08
CA LEU B 633 -17.50 -26.40 -9.24
C LEU B 633 -18.08 -27.66 -9.85
N ALA B 634 -19.33 -27.96 -9.50
CA ALA B 634 -20.03 -29.12 -10.04
C ALA B 634 -21.52 -28.93 -9.84
N GLY B 635 -22.30 -29.36 -10.83
CA GLY B 635 -23.74 -29.24 -10.75
C GLY B 635 -24.44 -30.39 -10.06
N SER B 636 -23.75 -31.52 -9.90
CA SER B 636 -24.32 -32.71 -9.29
C SER B 636 -23.54 -33.08 -8.03
N LYS B 637 -24.25 -33.62 -7.04
CA LYS B 637 -23.61 -34.01 -5.80
C LYS B 637 -22.55 -35.08 -6.02
N VAL B 638 -22.87 -36.08 -6.84
CA VAL B 638 -21.91 -37.14 -7.12
C VAL B 638 -20.78 -36.66 -8.03
N GLY B 639 -20.99 -35.57 -8.75
CA GLY B 639 -19.98 -35.11 -9.69
C GLY B 639 -18.71 -34.65 -9.01
N MET B 640 -18.84 -33.87 -7.93
CA MET B 640 -17.66 -33.30 -7.29
C MET B 640 -16.91 -34.31 -6.43
N GLN B 641 -17.57 -35.41 -6.02
CA GLN B 641 -16.88 -36.38 -5.17
C GLN B 641 -15.69 -37.00 -5.88
N GLU B 642 -15.87 -37.39 -7.15
CA GLU B 642 -14.76 -37.97 -7.90
C GLU B 642 -13.69 -36.93 -8.19
N SER B 643 -14.08 -35.67 -8.41
CA SER B 643 -13.10 -34.61 -8.59
C SER B 643 -12.25 -34.45 -7.34
N ILE B 644 -12.89 -34.45 -6.17
CA ILE B 644 -12.16 -34.32 -4.91
C ILE B 644 -11.25 -35.51 -4.69
N SER B 645 -11.73 -36.71 -5.02
CA SER B 645 -10.88 -37.90 -4.89
C SER B 645 -9.67 -37.81 -5.81
N ALA B 646 -9.87 -37.30 -7.03
CA ALA B 646 -8.74 -37.13 -7.94
C ALA B 646 -7.74 -36.12 -7.41
N VAL B 647 -8.24 -35.00 -6.86
CA VAL B 647 -7.34 -34.02 -6.24
C VAL B 647 -6.57 -34.66 -5.09
N ASP B 648 -7.26 -35.46 -4.29
CA ASP B 648 -6.61 -36.12 -3.16
C ASP B 648 -5.52 -37.07 -3.61
N CYS B 649 -5.80 -37.89 -4.63
CA CYS B 649 -4.79 -38.85 -5.07
C CYS B 649 -3.62 -38.14 -5.73
N VAL B 650 -3.88 -37.06 -6.45
CA VAL B 650 -2.79 -36.28 -7.04
C VAL B 650 -1.93 -35.67 -5.94
N GLY B 651 -2.55 -35.11 -4.90
CA GLY B 651 -1.78 -34.52 -3.82
C GLY B 651 -0.97 -35.54 -3.04
N ARG B 652 -1.58 -36.69 -2.74
CA ARG B 652 -0.89 -37.73 -1.99
C ARG B 652 0.26 -38.32 -2.80
N GLN B 653 0.03 -38.55 -4.10
CA GLN B 653 1.09 -39.07 -4.95
C GLN B 653 2.20 -38.05 -5.19
N MET B 654 1.96 -36.78 -4.85
CA MET B 654 2.98 -35.76 -4.94
C MET B 654 3.36 -35.19 -3.58
N GLY B 655 2.72 -35.62 -2.50
CA GLY B 655 3.06 -35.17 -1.17
C GLY B 655 2.31 -33.95 -0.69
N LEU B 656 1.49 -33.32 -1.53
CA LEU B 656 0.79 -32.11 -1.12
C LEU B 656 -0.23 -32.42 -0.03
N ARG B 657 -0.32 -31.54 0.95
CA ARG B 657 -1.30 -31.66 2.03
C ARG B 657 -2.30 -30.53 1.96
N LEU B 658 -3.52 -30.82 2.41
CA LEU B 658 -4.63 -29.87 2.35
C LEU B 658 -5.15 -29.59 3.74
N ASN B 659 -5.52 -28.33 3.99
CA ASN B 659 -6.10 -27.93 5.26
C ASN B 659 -7.60 -28.18 5.21
N CYS B 660 -8.03 -29.31 5.78
CA CYS B 660 -9.46 -29.55 5.91
C CYS B 660 -10.11 -28.52 6.81
N ARG B 661 -9.35 -27.90 7.71
CA ARG B 661 -9.90 -26.82 8.53
C ARG B 661 -10.20 -25.58 7.71
N LYS B 662 -9.32 -25.24 6.77
CA LYS B 662 -9.44 -24.00 6.00
C LYS B 662 -10.15 -24.18 4.66
N SER B 663 -10.67 -25.37 4.36
CA SER B 663 -11.39 -25.62 3.12
C SER B 663 -12.88 -25.72 3.41
N ALA B 664 -13.69 -25.19 2.49
CA ALA B 664 -15.13 -25.14 2.66
C ALA B 664 -15.83 -25.55 1.38
N VAL B 665 -17.08 -25.99 1.53
CA VAL B 665 -17.91 -26.42 0.42
C VAL B 665 -19.24 -25.70 0.49
N LEU B 666 -19.66 -25.12 -0.63
CA LEU B 666 -20.94 -24.43 -0.74
C LEU B 666 -21.84 -25.26 -1.66
N SER B 667 -22.89 -25.84 -1.08
CA SER B 667 -23.85 -26.62 -1.82
C SER B 667 -25.16 -25.86 -1.97
N MET B 668 -25.84 -26.11 -3.10
CA MET B 668 -27.04 -25.35 -3.44
C MET B 668 -28.00 -26.31 -4.13
N ILE B 669 -28.90 -26.90 -3.36
CA ILE B 669 -29.85 -27.90 -3.85
C ILE B 669 -31.20 -27.23 -4.05
N PRO B 670 -31.74 -27.21 -5.26
CA PRO B 670 -33.10 -26.69 -5.47
C PRO B 670 -34.16 -27.74 -5.19
N ASP B 671 -35.37 -27.27 -4.95
CA ASP B 671 -36.53 -28.12 -4.73
C ASP B 671 -37.70 -27.63 -5.55
N GLY B 672 -38.41 -28.56 -6.18
CA GLY B 672 -39.55 -28.22 -7.00
C GLY B 672 -40.81 -27.96 -6.18
N HIS B 673 -41.84 -27.48 -6.88
CA HIS B 673 -43.16 -27.21 -6.34
C HIS B 673 -43.16 -26.11 -5.28
N ARG B 674 -42.03 -25.43 -5.07
CA ARG B 674 -41.96 -24.34 -4.12
C ARG B 674 -41.27 -23.10 -4.66
N LYS B 675 -40.52 -23.19 -5.76
CA LYS B 675 -39.84 -22.08 -6.43
C LYS B 675 -38.81 -21.39 -5.54
N LYS B 676 -38.49 -21.97 -4.38
CA LYS B 676 -37.41 -21.49 -3.53
C LYS B 676 -36.20 -22.41 -3.68
N HIS B 677 -35.09 -21.99 -3.07
CA HIS B 677 -33.83 -22.72 -3.20
C HIS B 677 -33.30 -22.99 -1.81
N HIS B 678 -32.83 -24.22 -1.59
CA HIS B 678 -32.52 -24.73 -0.26
C HIS B 678 -31.01 -24.88 -0.07
N TYR B 679 -30.55 -24.56 1.14
CA TYR B 679 -29.14 -24.62 1.48
C TYR B 679 -28.87 -25.82 2.37
N LEU B 680 -27.93 -26.66 1.97
CA LEU B 680 -27.52 -27.77 2.82
C LEU B 680 -26.71 -27.27 4.00
N THR B 681 -26.82 -27.99 5.12
CA THR B 681 -26.17 -27.61 6.36
C THR B 681 -25.21 -28.66 6.90
N GLU B 682 -25.56 -29.94 6.78
CA GLU B 682 -24.71 -30.99 7.31
C GLU B 682 -23.50 -31.20 6.40
N ARG B 683 -22.49 -31.88 6.95
CA ARG B 683 -21.29 -32.20 6.20
C ARG B 683 -21.51 -33.47 5.39
N THR B 684 -21.33 -33.38 4.07
CA THR B 684 -21.50 -34.52 3.17
C THR B 684 -20.21 -34.90 2.47
N PHE B 685 -19.55 -33.96 1.81
CA PHE B 685 -18.31 -34.25 1.12
C PHE B 685 -17.16 -34.38 2.11
N ASN B 686 -16.05 -34.93 1.65
CA ASN B 686 -14.90 -35.17 2.50
C ASN B 686 -13.64 -35.17 1.66
N ILE B 687 -12.51 -34.93 2.33
CA ILE B 687 -11.20 -35.01 1.69
C ILE B 687 -10.50 -36.28 2.17
N GLY B 688 -10.71 -37.37 1.46
CA GLY B 688 -10.11 -38.64 1.85
C GLY B 688 -10.52 -39.11 3.23
N GLY B 689 -11.77 -38.89 3.60
CA GLY B 689 -12.26 -39.32 4.90
C GLY B 689 -12.55 -38.18 5.85
N LYS B 690 -11.70 -37.18 5.86
CA LYS B 690 -11.88 -36.03 6.75
C LYS B 690 -13.04 -35.17 6.23
N PRO B 691 -14.05 -34.88 7.04
CA PRO B 691 -15.21 -34.14 6.54
C PRO B 691 -14.86 -32.70 6.19
N LEU B 692 -15.64 -32.15 5.27
CA LEU B 692 -15.51 -30.77 4.84
C LEU B 692 -16.65 -29.96 5.44
N ARG B 693 -16.32 -28.81 6.02
CA ARG B 693 -17.34 -27.96 6.60
C ARG B 693 -18.21 -27.36 5.49
N GLN B 694 -19.50 -27.25 5.77
CA GLN B 694 -20.44 -26.64 4.83
C GLN B 694 -20.85 -25.27 5.36
N VAL B 695 -20.62 -24.25 4.55
CA VAL B 695 -20.90 -22.87 4.93
C VAL B 695 -22.09 -22.38 4.13
N SER B 696 -23.03 -21.71 4.80
CA SER B 696 -24.28 -21.28 4.18
C SER B 696 -24.07 -20.10 3.24
N CYS B 697 -23.60 -18.98 3.76
CA CYS B 697 -23.42 -17.77 2.98
C CYS B 697 -22.01 -17.72 2.38
N VAL B 698 -21.89 -17.05 1.24
CA VAL B 698 -20.57 -16.86 0.61
C VAL B 698 -19.96 -15.61 1.25
N GLU B 699 -19.37 -15.81 2.42
CA GLU B 699 -18.61 -14.78 3.10
C GLU B 699 -17.12 -15.10 3.13
N ARG B 700 -16.72 -16.17 2.46
CA ARG B 700 -15.31 -16.52 2.33
C ARG B 700 -14.75 -15.99 1.01
N TRP B 701 -14.87 -14.68 0.83
CA TRP B 701 -14.27 -14.00 -0.33
C TRP B 701 -12.86 -13.53 0.01
N ARG B 702 -12.04 -14.48 0.45
CA ARG B 702 -10.66 -14.21 0.82
C ARG B 702 -9.69 -14.74 -0.23
N TYR B 703 -10.10 -14.78 -1.49
CA TYR B 703 -9.22 -15.19 -2.57
C TYR B 703 -8.36 -14.02 -3.05
N LEU B 704 -7.61 -13.44 -2.12
CA LEU B 704 -6.81 -12.26 -2.38
C LEU B 704 -5.34 -12.46 -2.03
N GLY B 705 -4.93 -13.70 -1.76
CA GLY B 705 -3.54 -13.98 -1.44
C GLY B 705 -3.20 -13.73 0.01
N VAL B 706 -2.54 -12.60 0.26
CA VAL B 706 -2.14 -12.19 1.60
C VAL B 706 -3.38 -11.85 2.41
N ASP B 707 -3.21 -11.61 3.71
CA ASP B 707 -4.32 -11.43 4.66
C ASP B 707 -5.13 -12.73 4.74
N PHE B 708 -4.45 -13.77 5.21
CA PHE B 708 -4.89 -15.15 5.06
C PHE B 708 -6.26 -15.39 5.71
N GLU B 709 -6.85 -16.53 5.34
CA GLU B 709 -8.24 -16.84 5.62
C GLU B 709 -8.44 -17.21 7.09
N ALA B 710 -9.71 -17.32 7.47
CA ALA B 710 -10.10 -17.84 8.78
C ALA B 710 -11.11 -18.98 8.67
N SER B 711 -11.37 -19.48 7.46
CA SER B 711 -12.22 -20.64 7.21
C SER B 711 -13.67 -20.38 7.64
N GLY B 712 -14.17 -19.22 7.23
CA GLY B 712 -15.57 -18.87 7.47
C GLY B 712 -15.91 -18.54 8.89
N CYS B 713 -14.93 -18.55 9.80
CA CYS B 713 -15.21 -18.19 11.18
C CYS B 713 -15.62 -16.72 11.30
N VAL B 714 -14.93 -15.84 10.58
CA VAL B 714 -15.20 -14.41 10.64
C VAL B 714 -15.29 -13.85 9.22
N THR B 715 -15.86 -12.66 9.13
CA THR B 715 -16.03 -11.98 7.86
C THR B 715 -14.72 -11.32 7.46
N LEU B 716 -14.75 -10.45 6.44
CA LEU B 716 -13.54 -9.71 6.10
C LEU B 716 -13.20 -8.70 7.18
N GLU B 717 -14.21 -8.08 7.79
CA GLU B 717 -13.97 -7.37 9.03
C GLU B 717 -13.64 -8.39 10.12
N HIS B 718 -13.18 -7.87 11.27
CA HIS B 718 -12.62 -8.67 12.36
C HIS B 718 -11.30 -9.29 11.92
N SER B 719 -10.93 -9.05 10.65
CA SER B 719 -9.59 -9.27 10.14
C SER B 719 -8.96 -8.00 9.62
N ILE B 720 -9.77 -7.03 9.20
CA ILE B 720 -9.27 -5.68 8.96
C ILE B 720 -8.93 -5.01 10.28
N SER B 721 -9.78 -5.19 11.29
CA SER B 721 -9.53 -4.57 12.59
C SER B 721 -8.26 -5.13 13.23
N SER B 722 -7.98 -6.41 13.01
CA SER B 722 -6.70 -6.97 13.47
C SER B 722 -5.53 -6.29 12.78
N ALA B 723 -5.67 -6.01 11.47
CA ALA B 723 -4.62 -5.31 10.76
C ALA B 723 -4.44 -3.89 11.29
N LEU B 724 -5.55 -3.21 11.58
CA LEU B 724 -5.46 -1.86 12.13
C LEU B 724 -4.79 -1.88 13.50
N ASN B 725 -5.11 -2.86 14.33
CA ASN B 725 -4.46 -2.97 15.64
C ASN B 725 -2.97 -3.26 15.48
N ASN B 726 -2.61 -4.14 14.54
CA ASN B 726 -1.21 -4.45 14.30
C ASN B 726 -0.44 -3.22 13.85
N ILE B 727 -1.06 -2.40 13.01
CA ILE B 727 -0.41 -1.16 12.58
C ILE B 727 -0.30 -0.17 13.74
N SER B 728 -1.36 -0.06 14.54
CA SER B 728 -1.37 0.90 15.63
C SER B 728 -0.32 0.56 16.68
N ARG B 729 -0.16 -0.72 17.01
CA ARG B 729 0.80 -1.11 18.03
C ARG B 729 2.24 -1.15 17.52
N ALA B 730 2.45 -1.13 16.22
CA ALA B 730 3.80 -1.18 15.69
C ALA B 730 4.55 0.11 16.05
N PRO B 731 5.86 0.01 16.27
CA PRO B 731 6.65 1.22 16.64
C PRO B 731 6.94 2.11 15.43
N LEU B 732 5.96 2.92 15.07
CA LEU B 732 6.09 3.80 13.91
C LEU B 732 5.56 5.20 14.26
N LYS B 733 6.11 6.20 13.59
CA LYS B 733 5.66 7.57 13.75
C LYS B 733 4.26 7.73 13.17
N PRO B 734 3.51 8.73 13.62
CA PRO B 734 2.12 8.88 13.14
C PRO B 734 2.00 9.01 11.64
N GLN B 735 2.99 9.58 10.95
CA GLN B 735 2.92 9.66 9.50
C GLN B 735 3.22 8.33 8.82
N GLN B 736 4.07 7.50 9.42
CA GLN B 736 4.40 6.22 8.82
C GLN B 736 3.19 5.29 8.78
N ARG B 737 2.41 5.26 9.87
CA ARG B 737 1.19 4.46 9.87
C ARG B 737 0.20 4.98 8.83
N LEU B 738 0.10 6.30 8.70
CA LEU B 738 -0.78 6.88 7.69
C LEU B 738 -0.37 6.41 6.30
N GLU B 739 0.93 6.46 5.99
CA GLU B 739 1.37 6.03 4.67
C GLU B 739 1.14 4.54 4.45
N ILE B 740 1.39 3.72 5.49
CA ILE B 740 1.21 2.28 5.35
C ILE B 740 -0.25 1.96 5.08
N LEU B 741 -1.17 2.61 5.79
CA LEU B 741 -2.59 2.42 5.51
C LEU B 741 -2.97 2.96 4.15
N ARG B 742 -2.33 4.05 3.71
CA ARG B 742 -2.67 4.66 2.44
C ARG B 742 -2.34 3.74 1.27
N ALA B 743 -1.13 3.18 1.26
CA ALA B 743 -0.63 2.52 0.07
C ALA B 743 -0.34 1.04 0.26
N HIS B 744 -0.67 0.45 1.41
CA HIS B 744 -0.40 -0.97 1.59
C HIS B 744 -1.54 -1.76 2.21
N LEU B 745 -2.53 -1.13 2.85
CA LEU B 745 -3.66 -1.87 3.40
C LEU B 745 -4.92 -1.70 2.56
N ILE B 746 -5.26 -0.47 2.19
CA ILE B 746 -6.47 -0.25 1.37
C ILE B 746 -6.38 -0.92 0.03
N PRO B 747 -5.29 -0.85 -0.73
CA PRO B 747 -5.21 -1.59 -2.00
C PRO B 747 -4.96 -3.09 -1.84
N ARG B 748 -5.11 -3.63 -0.65
CA ARG B 748 -4.83 -5.04 -0.39
C ARG B 748 -6.08 -5.86 -0.13
N PHE B 749 -7.01 -5.37 0.69
CA PHE B 749 -8.26 -6.08 0.91
C PHE B 749 -9.39 -5.62 -0.02
N GLN B 750 -9.14 -4.62 -0.87
CA GLN B 750 -10.22 -4.08 -1.68
C GLN B 750 -10.73 -5.09 -2.70
N HIS B 751 -9.92 -6.06 -3.11
CA HIS B 751 -10.39 -7.08 -4.03
C HIS B 751 -11.46 -7.94 -3.39
N GLY B 752 -11.36 -8.18 -2.08
CA GLY B 752 -12.27 -9.09 -1.41
C GLY B 752 -13.69 -8.62 -1.33
N PHE B 753 -13.93 -7.31 -1.42
CA PHE B 753 -15.27 -6.77 -1.28
C PHE B 753 -16.02 -6.70 -2.60
N VAL B 754 -15.68 -7.55 -3.56
CA VAL B 754 -16.37 -7.58 -4.84
C VAL B 754 -16.88 -8.97 -5.20
N LEU B 755 -16.43 -10.03 -4.55
CA LEU B 755 -16.83 -11.40 -4.88
C LEU B 755 -18.13 -11.75 -4.16
N GLY B 756 -19.19 -11.10 -4.57
CA GLY B 756 -20.51 -11.42 -4.06
C GLY B 756 -21.36 -10.17 -3.92
N ASN B 757 -22.58 -10.39 -3.43
CA ASN B 757 -23.50 -9.29 -3.19
C ASN B 757 -22.94 -8.35 -2.13
N ILE B 758 -23.02 -7.04 -2.41
CA ILE B 758 -22.50 -6.03 -1.50
C ILE B 758 -23.48 -4.86 -1.44
N SER B 759 -23.53 -4.21 -0.28
CA SER B 759 -24.41 -3.08 -0.05
C SER B 759 -23.59 -1.86 0.35
N ASP B 760 -24.22 -0.69 0.29
CA ASP B 760 -23.54 0.55 0.62
C ASP B 760 -23.22 0.67 2.11
N ASP B 761 -24.09 0.11 2.96
CA ASP B 761 -23.91 0.28 4.41
C ASP B 761 -22.64 -0.39 4.89
N ARG B 762 -22.30 -1.55 4.34
CA ARG B 762 -21.06 -2.23 4.72
C ARG B 762 -19.85 -1.37 4.41
N LEU B 763 -19.83 -0.77 3.22
CA LEU B 763 -18.72 0.10 2.84
C LEU B 763 -18.67 1.34 3.74
N ARG B 764 -19.83 1.91 4.05
CA ARG B 764 -19.84 3.08 4.90
C ARG B 764 -19.31 2.77 6.30
N MET B 765 -19.69 1.61 6.84
CA MET B 765 -19.19 1.24 8.16
C MET B 765 -17.69 0.95 8.13
N LEU B 766 -17.21 0.33 7.06
CA LEU B 766 -15.76 0.13 6.94
C LEU B 766 -15.04 1.47 6.89
N ASP B 767 -15.58 2.43 6.15
CA ASP B 767 -14.99 3.76 6.09
C ASP B 767 -15.01 4.43 7.46
N VAL B 768 -16.11 4.29 8.19
CA VAL B 768 -16.20 4.91 9.51
C VAL B 768 -15.17 4.31 10.46
N GLN B 769 -15.00 2.99 10.42
CA GLN B 769 -13.99 2.36 11.27
C GLN B 769 -12.58 2.82 10.90
N ILE B 770 -12.29 2.93 9.60
CA ILE B 770 -10.97 3.40 9.18
C ILE B 770 -10.74 4.83 9.63
N ARG B 771 -11.77 5.68 9.52
CA ARG B 771 -11.65 7.06 9.96
C ARG B 771 -11.44 7.14 11.46
N LYS B 772 -12.13 6.30 12.23
CA LYS B 772 -11.91 6.27 13.67
C LYS B 772 -10.47 5.88 14.00
N ALA B 773 -9.95 4.87 13.31
CA ALA B 773 -8.57 4.46 13.55
C ALA B 773 -7.59 5.59 13.23
N VAL B 774 -7.80 6.26 12.11
CA VAL B 774 -6.91 7.36 11.73
C VAL B 774 -7.00 8.51 12.74
N GLY B 775 -8.23 8.83 13.16
CA GLY B 775 -8.39 9.87 14.16
C GLY B 775 -7.70 9.55 15.46
N GLN B 776 -7.73 8.27 15.86
CA GLN B 776 -6.97 7.87 17.05
C GLN B 776 -5.47 8.02 16.81
N TRP B 777 -4.99 7.65 15.61
CA TRP B 777 -3.56 7.75 15.34
C TRP B 777 -3.09 9.20 15.43
N LEU B 778 -3.83 10.12 14.83
CA LEU B 778 -3.42 11.52 14.77
C LEU B 778 -4.10 12.39 15.82
N ARG B 779 -4.90 11.81 16.71
CA ARG B 779 -5.51 12.50 17.85
C ARG B 779 -6.42 13.65 17.42
N LEU B 780 -6.99 13.60 16.21
CA LEU B 780 -7.95 14.61 15.83
C LEU B 780 -9.24 14.44 16.62
N PRO B 781 -9.95 15.53 16.90
CA PRO B 781 -11.26 15.42 17.55
C PRO B 781 -12.31 14.82 16.63
N ALA B 782 -13.53 14.68 17.13
CA ALA B 782 -14.57 14.00 16.36
C ALA B 782 -15.11 14.87 15.23
N ASP B 783 -15.32 16.16 15.50
CA ASP B 783 -15.97 17.05 14.54
C ASP B 783 -15.00 17.63 13.53
N VAL B 784 -14.29 16.76 12.82
CA VAL B 784 -13.40 17.17 11.74
C VAL B 784 -14.08 16.85 10.41
N PRO B 785 -13.96 17.71 9.39
CA PRO B 785 -14.57 17.39 8.10
C PRO B 785 -14.11 16.05 7.57
N LYS B 786 -15.07 15.15 7.33
CA LYS B 786 -14.74 13.80 6.91
C LYS B 786 -14.09 13.77 5.52
N ALA B 787 -14.24 14.83 4.73
CA ALA B 787 -13.56 14.88 3.44
C ALA B 787 -12.07 15.10 3.60
N TYR B 788 -11.63 15.55 4.77
CA TYR B 788 -10.20 15.80 4.96
C TYR B 788 -9.40 14.51 4.87
N TYR B 789 -9.98 13.39 5.28
CA TYR B 789 -9.23 12.14 5.26
C TYR B 789 -9.06 11.61 3.84
N HIS B 790 -10.04 11.83 2.97
CA HIS B 790 -10.03 11.20 1.65
C HIS B 790 -9.61 12.12 0.52
N ALA B 791 -9.59 13.43 0.74
CA ALA B 791 -9.19 14.36 -0.31
C ALA B 791 -7.71 14.18 -0.65
N ALA B 792 -7.38 14.40 -1.92
CA ALA B 792 -6.03 14.14 -2.39
C ALA B 792 -5.03 15.08 -1.73
N VAL B 793 -3.75 14.70 -1.80
CA VAL B 793 -2.70 15.48 -1.16
C VAL B 793 -2.62 16.87 -1.76
N GLN B 794 -2.63 16.97 -3.08
CA GLN B 794 -2.43 18.27 -3.73
C GLN B 794 -3.51 19.27 -3.33
N ASP B 795 -4.70 18.80 -3.02
CA ASP B 795 -5.79 19.68 -2.61
C ASP B 795 -5.82 19.93 -1.10
N GLY B 796 -4.97 19.24 -0.35
CA GLY B 796 -4.89 19.44 1.09
C GLY B 796 -5.66 18.38 1.85
N GLY B 797 -4.97 17.36 2.33
CA GLY B 797 -5.64 16.28 3.02
C GLY B 797 -4.73 15.08 3.13
N LEU B 798 -5.18 14.12 3.92
CA LEU B 798 -4.37 12.94 4.19
C LEU B 798 -4.39 11.93 3.06
N ALA B 799 -5.32 12.06 2.11
CA ALA B 799 -5.41 11.18 0.95
C ALA B 799 -5.57 9.72 1.36
N ILE B 800 -6.36 9.49 2.40
CA ILE B 800 -6.71 8.12 2.78
C ILE B 800 -7.79 7.64 1.81
N PRO B 801 -7.49 6.63 0.98
CA PRO B 801 -8.49 6.19 0.00
C PRO B 801 -9.69 5.58 0.67
N SER B 802 -10.88 5.94 0.19
CA SER B 802 -12.14 5.55 0.81
C SER B 802 -12.70 4.34 0.08
N VAL B 803 -12.91 3.25 0.82
CA VAL B 803 -13.50 2.06 0.22
C VAL B 803 -14.97 2.24 -0.12
N ARG B 804 -15.58 3.34 0.30
CA ARG B 804 -16.98 3.58 -0.05
C ARG B 804 -17.14 3.94 -1.52
N ALA B 805 -16.16 4.63 -2.09
CA ALA B 805 -16.22 5.06 -3.48
C ALA B 805 -15.21 4.39 -4.40
N THR B 806 -14.22 3.70 -3.84
CA THR B 806 -13.25 2.99 -4.68
C THR B 806 -13.67 1.56 -5.00
N ILE B 807 -14.74 1.06 -4.41
CA ILE B 807 -15.30 -0.24 -4.78
C ILE B 807 -16.15 -0.07 -6.03
N PRO B 808 -17.10 0.88 -6.09
CA PRO B 808 -17.80 1.10 -7.36
C PRO B 808 -16.86 1.47 -8.49
N ASP B 809 -15.80 2.23 -8.19
CA ASP B 809 -14.82 2.57 -9.21
C ASP B 809 -14.15 1.31 -9.75
N LEU B 810 -13.75 0.40 -8.86
CA LEU B 810 -13.11 -0.83 -9.29
C LEU B 810 -14.07 -1.68 -10.13
N ILE B 811 -15.32 -1.79 -9.69
CA ILE B 811 -16.31 -2.57 -10.43
C ILE B 811 -16.51 -2.00 -11.82
N VAL B 812 -16.68 -0.68 -11.91
CA VAL B 812 -16.94 -0.05 -13.21
C VAL B 812 -15.74 -0.21 -14.11
N ARG B 813 -14.53 0.02 -13.60
CA ARG B 813 -13.35 -0.04 -14.44
C ARG B 813 -13.07 -1.46 -14.92
N ARG B 814 -13.29 -2.46 -14.07
CA ARG B 814 -12.91 -3.82 -14.44
C ARG B 814 -14.03 -4.57 -15.15
N PHE B 815 -15.21 -4.66 -14.53
CA PHE B 815 -16.30 -5.43 -15.11
C PHE B 815 -16.81 -4.82 -16.41
N GLY B 816 -16.56 -3.53 -16.65
CA GLY B 816 -16.95 -2.95 -17.91
C GLY B 816 -16.19 -3.54 -19.09
N GLY B 817 -14.91 -3.84 -18.89
CA GLY B 817 -14.10 -4.43 -19.93
C GLY B 817 -14.08 -5.94 -19.87
N LEU B 818 -15.07 -6.51 -19.19
CA LEU B 818 -15.14 -7.96 -19.07
C LEU B 818 -15.32 -8.64 -20.42
N ASP B 819 -16.19 -8.07 -21.27
CA ASP B 819 -16.47 -8.66 -22.57
C ASP B 819 -15.29 -8.55 -23.53
N SER B 820 -14.27 -7.77 -23.19
CA SER B 820 -13.08 -7.66 -24.03
C SER B 820 -11.96 -8.59 -23.61
N SER B 821 -12.17 -9.40 -22.58
CA SER B 821 -11.13 -10.31 -22.12
C SER B 821 -10.91 -11.43 -23.12
N PRO B 822 -9.65 -11.86 -23.31
CA PRO B 822 -9.39 -12.99 -24.22
C PRO B 822 -10.04 -14.29 -23.78
N TRP B 823 -10.31 -14.45 -22.49
CA TRP B 823 -10.92 -15.67 -22.00
C TRP B 823 -12.31 -15.87 -22.58
N SER B 824 -12.63 -17.12 -22.90
CA SER B 824 -13.97 -17.46 -23.38
C SER B 824 -14.97 -17.56 -22.24
N VAL B 825 -14.53 -17.98 -21.06
CA VAL B 825 -15.44 -18.09 -19.91
C VAL B 825 -15.86 -16.72 -19.43
N ALA B 826 -14.91 -15.78 -19.35
CA ALA B 826 -15.24 -14.44 -18.88
C ALA B 826 -16.23 -13.75 -19.82
N ARG B 827 -16.06 -13.94 -21.14
CA ARG B 827 -17.00 -13.35 -22.08
C ARG B 827 -18.40 -13.93 -21.89
N ALA B 828 -18.48 -15.24 -21.62
CA ALA B 828 -19.78 -15.83 -21.31
C ALA B 828 -20.37 -15.24 -20.04
N ALA B 829 -19.53 -15.02 -19.03
CA ALA B 829 -20.01 -14.41 -17.79
C ALA B 829 -20.47 -12.98 -18.00
N ALA B 830 -19.92 -12.30 -19.02
CA ALA B 830 -20.30 -10.91 -19.25
C ALA B 830 -21.77 -10.78 -19.60
N LYS B 831 -22.28 -11.67 -20.46
CA LYS B 831 -23.69 -11.61 -20.88
C LYS B 831 -24.58 -12.34 -19.88
N SER B 832 -24.55 -11.84 -18.64
CA SER B 832 -25.34 -12.40 -17.55
C SER B 832 -26.32 -11.35 -17.05
N ASP B 833 -27.01 -11.68 -15.96
CA ASP B 833 -27.97 -10.79 -15.34
C ASP B 833 -27.41 -10.12 -14.09
N LYS B 834 -26.79 -10.91 -13.19
CA LYS B 834 -26.26 -10.34 -11.96
C LYS B 834 -25.11 -9.39 -12.24
N ILE B 835 -24.24 -9.73 -13.19
CA ILE B 835 -23.09 -8.88 -13.50
C ILE B 835 -23.55 -7.52 -14.00
N ARG B 836 -24.53 -7.50 -14.89
CA ARG B 836 -25.01 -6.23 -15.44
C ARG B 836 -25.71 -5.40 -14.36
N LYS B 837 -26.46 -6.05 -13.47
CA LYS B 837 -27.10 -5.32 -12.39
C LYS B 837 -26.07 -4.71 -11.44
N LYS B 838 -25.02 -5.47 -11.12
CA LYS B 838 -23.96 -4.91 -10.28
C LYS B 838 -23.22 -3.78 -10.99
N LEU B 839 -23.04 -3.90 -12.31
CA LEU B 839 -22.43 -2.81 -13.07
C LEU B 839 -23.28 -1.55 -13.01
N ARG B 840 -24.59 -1.70 -13.16
CA ARG B 840 -25.50 -0.55 -13.05
C ARG B 840 -25.41 0.09 -11.67
N TRP B 841 -25.41 -0.75 -10.62
CA TRP B 841 -25.31 -0.21 -9.27
C TRP B 841 -23.99 0.51 -9.06
N ALA B 842 -22.89 -0.06 -9.55
CA ALA B 842 -21.59 0.57 -9.41
C ALA B 842 -21.53 1.90 -10.16
N TRP B 843 -22.10 1.95 -11.36
CA TRP B 843 -22.13 3.21 -12.10
C TRP B 843 -22.93 4.26 -11.35
N LYS B 844 -24.08 3.87 -10.80
CA LYS B 844 -24.89 4.82 -10.04
C LYS B 844 -24.12 5.36 -8.84
N GLN B 845 -23.45 4.47 -8.11
CA GLN B 845 -22.68 4.91 -6.95
C GLN B 845 -21.52 5.81 -7.35
N LEU B 846 -20.82 5.46 -8.43
CA LEU B 846 -19.70 6.28 -8.88
C LEU B 846 -20.17 7.68 -9.29
N ARG B 847 -21.29 7.76 -10.00
CA ARG B 847 -21.82 9.07 -10.37
C ARG B 847 -22.27 9.84 -9.14
N ARG B 848 -22.78 9.15 -8.12
CA ARG B 848 -23.18 9.84 -6.90
C ARG B 848 -21.98 10.30 -6.09
N PHE B 849 -20.83 9.65 -6.25
CA PHE B 849 -19.64 9.95 -5.46
C PHE B 849 -18.48 10.42 -6.33
N SER B 850 -18.78 11.24 -7.34
CA SER B 850 -17.73 11.83 -8.16
C SER B 850 -18.29 13.04 -8.89
N ARG B 851 -17.40 13.80 -9.50
CA ARG B 851 -17.75 14.93 -10.34
C ARG B 851 -17.07 14.73 -11.69
N VAL B 852 -17.80 15.06 -12.76
CA VAL B 852 -17.25 14.89 -14.10
C VAL B 852 -16.04 15.80 -14.29
N ASP B 853 -14.98 15.25 -14.86
CA ASP B 853 -13.78 16.04 -15.09
C ASP B 853 -13.99 17.00 -16.24
N SER B 854 -13.60 18.26 -16.04
CA SER B 854 -13.76 19.26 -17.10
C SER B 854 -12.92 18.91 -18.31
N THR B 855 -11.69 18.44 -18.10
CA THR B 855 -10.77 18.20 -19.22
C THR B 855 -11.17 16.97 -20.02
N THR B 856 -11.49 15.86 -19.35
CA THR B 856 -11.66 14.58 -20.04
C THR B 856 -13.08 14.03 -20.00
N GLN B 857 -14.01 14.70 -19.31
CA GLN B 857 -15.40 14.26 -19.22
C GLN B 857 -15.50 12.83 -18.68
N ARG B 858 -14.62 12.50 -17.73
CA ARG B 858 -14.61 11.18 -17.10
C ARG B 858 -14.70 11.35 -15.60
N PRO B 859 -15.55 10.56 -14.93
CA PRO B 859 -15.74 10.74 -13.48
C PRO B 859 -14.45 10.52 -12.71
N SER B 860 -14.28 11.32 -11.66
CA SER B 860 -13.14 11.21 -10.76
C SER B 860 -13.60 11.53 -9.34
N VAL B 861 -13.14 10.75 -8.37
CA VAL B 861 -13.58 10.95 -6.99
C VAL B 861 -12.83 12.10 -6.34
N ARG B 862 -11.61 12.37 -6.79
CA ARG B 862 -10.78 13.39 -6.16
C ARG B 862 -11.43 14.77 -6.27
N LEU B 863 -12.03 15.07 -7.43
CA LEU B 863 -12.71 16.36 -7.58
C LEU B 863 -13.90 16.47 -6.64
N PHE B 864 -14.65 15.38 -6.46
CA PHE B 864 -15.78 15.40 -5.53
C PHE B 864 -15.31 15.64 -4.11
N TRP B 865 -14.24 14.96 -3.69
CA TRP B 865 -13.73 15.16 -2.34
C TRP B 865 -13.22 16.58 -2.15
N ARG B 866 -12.55 17.13 -3.16
CA ARG B 866 -12.11 18.53 -3.08
C ARG B 866 -13.30 19.48 -2.97
N GLU B 867 -14.36 19.23 -3.74
CA GLU B 867 -15.52 20.10 -3.69
C GLU B 867 -16.15 20.08 -2.31
N HIS B 868 -16.28 18.91 -1.69
CA HIS B 868 -16.78 18.88 -0.32
C HIS B 868 -15.83 19.53 0.66
N LEU B 869 -14.52 19.31 0.52
CA LEU B 869 -13.58 19.81 1.51
C LEU B 869 -13.50 21.32 1.49
N HIS B 870 -13.34 21.92 0.31
CA HIS B 870 -13.23 23.37 0.22
C HIS B 870 -14.52 24.09 0.56
N ALA B 871 -15.66 23.39 0.56
CA ALA B 871 -16.94 23.99 0.93
C ALA B 871 -17.22 23.89 2.42
N SER B 872 -16.37 23.22 3.18
CA SER B 872 -16.59 23.06 4.61
C SER B 872 -16.19 24.34 5.35
N VAL B 873 -16.45 24.33 6.67
CA VAL B 873 -16.10 25.48 7.48
C VAL B 873 -14.63 25.41 7.91
N ASP B 874 -14.20 24.25 8.40
CA ASP B 874 -12.81 24.11 8.83
C ASP B 874 -11.84 24.26 7.66
N GLY B 875 -12.16 23.64 6.52
CA GLY B 875 -11.26 23.57 5.40
C GLY B 875 -11.44 24.61 4.32
N ARG B 876 -12.22 25.65 4.58
CA ARG B 876 -12.45 26.67 3.55
C ARG B 876 -11.16 27.40 3.19
N GLU B 877 -10.30 27.63 4.19
CA GLU B 877 -9.07 28.36 3.95
C GLU B 877 -8.03 27.55 3.16
N LEU B 878 -8.26 26.26 2.95
CA LEU B 878 -7.35 25.43 2.19
C LEU B 878 -7.62 25.47 0.68
N ARG B 879 -8.64 26.20 0.25
CA ARG B 879 -9.05 26.17 -1.15
C ARG B 879 -7.98 26.70 -2.09
N GLU B 880 -7.00 27.43 -1.57
CA GLU B 880 -5.92 27.96 -2.39
C GLU B 880 -4.73 27.03 -2.49
N SER B 881 -4.81 25.84 -1.88
CA SER B 881 -3.68 24.92 -1.88
C SER B 881 -3.60 24.06 -3.13
N THR B 882 -4.64 24.02 -3.95
CA THR B 882 -4.63 23.17 -5.13
C THR B 882 -3.92 23.80 -6.32
N ARG B 883 -3.66 25.11 -6.28
CA ARG B 883 -2.98 25.78 -7.37
C ARG B 883 -1.47 25.70 -7.27
N THR B 884 -0.94 25.58 -6.05
CA THR B 884 0.50 25.41 -5.83
C THR B 884 0.74 24.08 -5.13
N PRO B 885 1.14 23.03 -5.86
CA PRO B 885 1.36 21.73 -5.22
C PRO B 885 2.43 21.76 -4.15
N THR B 886 3.31 22.76 -4.16
CA THR B 886 4.36 22.86 -3.14
C THR B 886 3.76 23.09 -1.75
N SER B 887 2.57 23.71 -1.68
CA SER B 887 2.00 24.08 -0.39
C SER B 887 1.77 22.88 0.51
N THR B 888 1.30 21.76 -0.05
CA THR B 888 1.00 20.56 0.73
C THR B 888 1.96 19.44 0.39
N LYS B 889 3.22 19.78 0.17
CA LYS B 889 4.25 18.79 -0.12
C LYS B 889 4.72 18.06 1.13
N TRP B 890 4.33 18.50 2.32
CA TRP B 890 4.77 17.88 3.55
C TRP B 890 3.83 16.80 4.07
N ILE B 891 2.64 16.67 3.50
CA ILE B 891 1.69 15.68 4.00
C ILE B 891 2.14 14.26 3.66
N ARG B 892 2.67 14.06 2.45
CA ARG B 892 3.03 12.72 2.01
C ARG B 892 4.49 12.59 1.62
N GLU B 893 5.02 13.50 0.79
CA GLU B 893 6.36 13.32 0.26
C GLU B 893 7.42 13.64 1.32
N ARG B 894 7.44 14.89 1.79
CA ARG B 894 8.41 15.31 2.81
C ARG B 894 7.86 15.03 4.20
N CYS B 895 7.95 13.75 4.58
CA CYS B 895 7.57 13.31 5.92
C CYS B 895 8.71 12.66 6.67
N ALA B 896 9.84 12.37 6.02
CA ALA B 896 10.97 11.81 6.72
C ALA B 896 11.79 12.87 7.45
N GLN B 897 11.58 14.14 7.15
CA GLN B 897 12.31 15.24 7.77
C GLN B 897 11.55 15.87 8.92
N ILE B 898 10.42 15.31 9.32
CA ILE B 898 9.57 15.89 10.35
C ILE B 898 9.36 14.86 11.45
N THR B 899 9.49 15.30 12.70
CA THR B 899 9.49 14.39 13.84
C THR B 899 8.08 13.85 14.11
N GLY B 900 7.96 13.05 15.16
CA GLY B 900 6.72 12.39 15.50
C GLY B 900 5.61 13.32 15.92
N ARG B 901 5.76 13.97 17.08
CA ARG B 901 4.72 14.88 17.55
C ARG B 901 4.58 16.10 16.65
N ASP B 902 5.64 16.44 15.90
CA ASP B 902 5.55 17.57 14.99
C ASP B 902 4.48 17.34 13.94
N PHE B 903 4.38 16.12 13.41
CA PHE B 903 3.36 15.84 12.41
C PHE B 903 1.96 15.99 12.97
N VAL B 904 1.73 15.49 14.19
CA VAL B 904 0.40 15.60 14.78
C VAL B 904 0.06 17.06 15.04
N GLN B 905 1.02 17.85 15.52
CA GLN B 905 0.76 19.27 15.74
C GLN B 905 0.49 20.00 14.43
N PHE B 906 1.24 19.67 13.37
CA PHE B 906 1.03 20.28 12.08
C PHE B 906 -0.35 19.95 11.53
N VAL B 907 -0.78 18.69 11.69
CA VAL B 907 -2.11 18.31 11.25
C VAL B 907 -3.17 19.05 12.06
N HIS B 908 -2.94 19.20 13.37
CA HIS B 908 -3.91 19.89 14.21
C HIS B 908 -4.09 21.34 13.78
N THR B 909 -2.98 22.03 13.50
CA THR B 909 -3.11 23.42 13.05
C THR B 909 -3.48 23.53 11.59
N HIS B 910 -3.34 22.46 10.81
CA HIS B 910 -3.59 22.51 9.38
C HIS B 910 -5.09 22.57 9.08
N ILE B 911 -5.89 21.79 9.80
CA ILE B 911 -7.34 21.79 9.65
C ILE B 911 -7.98 22.52 10.81
N ASN B 912 -7.17 23.21 11.61
CA ASN B 912 -7.66 24.03 12.71
C ASN B 912 -8.41 23.17 13.73
N ALA B 913 -7.79 22.06 14.10
CA ALA B 913 -8.35 21.19 15.13
C ALA B 913 -7.93 21.61 16.52
N LEU B 914 -7.16 22.69 16.63
CA LEU B 914 -6.73 23.18 17.95
C LEU B 914 -7.95 23.63 18.74
N PRO B 915 -8.04 23.32 20.03
CA PRO B 915 -9.23 23.67 20.81
C PRO B 915 -9.20 25.11 21.28
N SER B 916 -10.04 25.93 20.67
CA SER B 916 -10.21 27.32 21.09
C SER B 916 -11.56 27.48 21.77
N ARG B 917 -11.84 28.70 22.23
CA ARG B 917 -13.14 28.97 22.83
C ARG B 917 -14.27 29.00 21.81
N ILE B 918 -13.94 29.00 20.51
CA ILE B 918 -14.96 28.98 19.47
C ILE B 918 -15.06 27.59 18.88
N ARG B 919 -13.95 27.09 18.34
CA ARG B 919 -13.97 25.79 17.67
C ARG B 919 -14.23 24.66 18.66
N GLY B 920 -13.68 24.77 19.85
CA GLY B 920 -13.79 23.71 20.84
C GLY B 920 -15.09 23.67 21.61
N SER B 921 -16.03 24.55 21.29
CA SER B 921 -17.32 24.60 21.97
C SER B 921 -18.45 24.73 20.95
N ARG B 922 -18.40 23.91 19.91
CA ARG B 922 -19.43 23.95 18.89
C ARG B 922 -20.71 23.30 19.39
N GLY B 923 -21.81 24.04 19.36
CA GLY B 923 -23.08 23.55 19.86
C GLY B 923 -23.24 23.66 21.37
N ARG B 924 -22.24 24.16 22.08
CA ARG B 924 -22.27 24.28 23.53
C ARG B 924 -22.00 25.73 23.94
N ARG B 925 -22.60 26.68 23.22
CA ARG B 925 -22.41 28.10 23.47
C ARG B 925 -23.60 28.72 24.17
N GLY B 926 -24.30 27.95 25.01
CA GLY B 926 -25.41 28.46 25.77
C GLY B 926 -25.03 29.22 27.02
N GLY B 927 -23.73 29.33 27.31
CA GLY B 927 -23.26 30.04 28.48
C GLY B 927 -23.02 31.51 28.22
N GLY B 928 -22.24 32.12 29.12
CA GLY B 928 -21.95 33.54 29.04
C GLY B 928 -20.87 33.85 28.03
N GLU B 929 -20.53 35.14 27.95
CA GLU B 929 -19.54 35.61 27.00
C GLU B 929 -18.13 35.14 27.33
N SER B 930 -17.88 34.69 28.57
CA SER B 930 -16.56 34.20 28.92
C SER B 930 -16.17 33.01 28.07
N SER B 931 -17.14 32.19 27.67
CA SER B 931 -16.88 31.09 26.76
C SER B 931 -16.60 31.55 25.35
N LEU B 932 -16.84 32.82 25.04
CA LEU B 932 -16.62 33.36 23.70
C LEU B 932 -15.62 34.50 23.66
N THR B 933 -15.53 35.31 24.70
CA THR B 933 -14.58 36.43 24.71
C THR B 933 -13.15 35.89 24.76
N CYS B 934 -12.23 36.66 24.19
CA CYS B 934 -10.83 36.27 24.18
C CYS B 934 -10.29 36.18 25.61
N ARG B 935 -9.57 35.10 25.90
CA ARG B 935 -9.00 34.90 27.23
C ARG B 935 -7.91 35.91 27.56
N ALA B 936 -7.40 36.65 26.57
CA ALA B 936 -6.35 37.63 26.77
C ALA B 936 -6.90 38.99 27.19
N GLY B 937 -8.21 39.11 27.37
CA GLY B 937 -8.81 40.40 27.67
C GLY B 937 -9.10 41.24 26.45
N CYS B 938 -8.96 40.69 25.24
CA CYS B 938 -9.25 41.42 24.02
C CYS B 938 -10.74 41.63 23.81
N LYS B 939 -11.59 40.98 24.62
CA LYS B 939 -13.05 41.12 24.59
C LYS B 939 -13.62 40.96 23.18
N VAL B 940 -12.95 40.18 22.35
CA VAL B 940 -13.42 39.87 21.00
C VAL B 940 -13.61 38.36 20.89
N ARG B 941 -14.19 37.91 19.79
CA ARG B 941 -14.42 36.49 19.60
C ARG B 941 -13.09 35.73 19.55
N GLU B 942 -13.00 34.66 20.33
CA GLU B 942 -11.75 33.91 20.47
C GLU B 942 -11.71 32.82 19.38
N THR B 943 -11.46 33.27 18.16
CA THR B 943 -11.22 32.35 17.07
C THR B 943 -9.73 32.04 16.97
N THR B 944 -9.42 30.86 16.41
CA THR B 944 -8.01 30.48 16.28
C THR B 944 -7.24 31.46 15.43
N ALA B 945 -7.89 32.09 14.45
CA ALA B 945 -7.23 33.14 13.68
C ALA B 945 -6.88 34.32 14.58
N HIS B 946 -7.77 34.70 15.49
CA HIS B 946 -7.47 35.75 16.46
C HIS B 946 -6.28 35.35 17.33
N ILE B 947 -6.26 34.10 17.79
CA ILE B 947 -5.18 33.65 18.67
C ILE B 947 -3.84 33.71 17.93
N LEU B 948 -3.81 33.20 16.71
CA LEU B 948 -2.55 33.02 15.99
C LEU B 948 -2.12 34.25 15.21
N GLN B 949 -2.97 35.25 15.06
CA GLN B 949 -2.58 36.38 14.22
C GLN B 949 -2.74 37.74 14.90
N GLN B 950 -3.78 37.93 15.72
CA GLN B 950 -4.04 39.21 16.36
C GLN B 950 -4.30 39.01 17.84
N CYS B 951 -3.23 39.01 18.64
CA CYS B 951 -3.34 38.92 20.08
C CYS B 951 -2.04 39.43 20.69
N HIS B 952 -2.14 40.33 21.67
CA HIS B 952 -0.95 40.96 22.23
C HIS B 952 -0.07 39.95 22.95
N ARG B 953 -0.67 38.91 23.52
CA ARG B 953 0.12 37.88 24.18
C ARG B 953 0.96 37.10 23.17
N THR B 954 0.48 37.03 21.93
CA THR B 954 1.13 36.25 20.87
C THR B 954 2.06 37.09 19.99
N HIS B 955 2.23 38.37 20.32
CA HIS B 955 2.99 39.27 19.46
C HIS B 955 4.45 38.84 19.35
N GLY B 956 5.06 38.51 20.49
CA GLY B 956 6.46 38.09 20.46
C GLY B 956 6.65 36.83 19.64
N GLY B 957 5.74 35.87 19.76
CA GLY B 957 5.81 34.69 18.93
C GLY B 957 5.63 35.01 17.46
N ARG B 958 4.81 36.01 17.15
CA ARG B 958 4.63 36.41 15.76
C ARG B 958 5.93 36.94 15.16
N ILE B 959 6.61 37.84 15.88
CA ILE B 959 7.92 38.30 15.40
C ILE B 959 8.92 37.15 15.34
N LEU B 960 8.85 36.23 16.30
CA LEU B 960 9.77 35.10 16.29
C LEU B 960 9.60 34.28 15.01
N ARG B 961 8.36 33.94 14.66
CA ARG B 961 8.10 33.17 13.45
C ARG B 961 8.49 33.94 12.19
N HIS B 962 8.15 35.23 12.16
CA HIS B 962 8.52 36.07 11.02
C HIS B 962 10.03 36.06 10.79
N ASN B 963 10.80 36.27 11.85
CA ASN B 963 12.25 36.33 11.70
C ASN B 963 12.82 34.95 11.40
N LYS B 964 12.20 33.89 11.93
CA LYS B 964 12.59 32.54 11.56
C LYS B 964 12.46 32.32 10.06
N ILE B 965 11.39 32.82 9.44
CA ILE B 965 11.23 32.70 8.00
C ILE B 965 12.24 33.56 7.24
N VAL B 966 12.45 34.80 7.71
CA VAL B 966 13.35 35.70 6.98
C VAL B 966 14.79 35.20 7.05
N SER B 967 15.15 34.48 8.12
CA SER B 967 16.50 33.92 8.20
C SER B 967 16.70 32.84 7.16
N PHE B 968 15.70 31.97 6.99
CA PHE B 968 15.84 30.87 6.04
C PHE B 968 15.83 31.36 4.60
N VAL B 969 14.96 32.34 4.30
CA VAL B 969 14.97 32.86 2.93
C VAL B 969 16.26 33.60 2.64
N ALA B 970 16.82 34.29 3.65
CA ALA B 970 18.11 34.95 3.47
C ALA B 970 19.20 33.91 3.22
N LYS B 971 19.18 32.81 3.97
CA LYS B 971 20.05 31.68 3.67
C LYS B 971 19.93 31.24 2.22
N ALA B 972 18.71 31.09 1.72
CA ALA B 972 18.52 30.60 0.36
C ALA B 972 19.11 31.55 -0.67
N MET B 973 18.79 32.85 -0.57
CA MET B 973 19.31 33.78 -1.57
C MET B 973 20.82 33.96 -1.43
N GLU B 974 21.36 33.82 -0.22
CA GLU B 974 22.82 33.82 -0.08
C GLU B 974 23.41 32.62 -0.81
N GLU B 975 22.81 31.44 -0.65
CA GLU B 975 23.24 30.27 -1.41
C GLU B 975 23.13 30.50 -2.90
N ASN B 976 22.20 31.35 -3.32
CA ASN B 976 22.03 31.69 -4.73
C ASN B 976 22.92 32.87 -5.15
N LYS B 977 23.78 33.34 -4.23
CA LYS B 977 24.81 34.35 -4.50
C LYS B 977 24.20 35.73 -4.75
N TRP B 978 23.46 36.23 -3.76
CA TRP B 978 22.91 37.58 -3.76
C TRP B 978 23.34 38.30 -2.48
N THR B 979 23.72 39.57 -2.61
CA THR B 979 24.17 40.36 -1.48
C THR B 979 22.94 40.84 -0.71
N VAL B 980 22.69 40.22 0.45
CA VAL B 980 21.49 40.49 1.23
C VAL B 980 21.79 41.55 2.28
N GLU B 981 20.73 42.21 2.75
CA GLU B 981 20.83 43.21 3.81
C GLU B 981 19.61 43.07 4.71
N LEU B 982 19.84 42.72 5.97
CA LEU B 982 18.76 42.44 6.90
C LEU B 982 18.25 43.75 7.52
N GLU B 983 16.94 43.94 7.46
CA GLU B 983 16.26 45.07 8.08
C GLU B 983 16.87 46.39 7.62
N PRO B 984 16.60 46.81 6.38
CA PRO B 984 17.07 48.13 5.94
C PRO B 984 16.41 49.25 6.74
N ARG B 985 17.16 50.32 6.94
CA ARG B 985 16.71 51.46 7.74
C ARG B 985 16.52 52.65 6.81
N LEU B 986 15.27 52.90 6.42
CA LEU B 986 14.93 54.05 5.59
C LEU B 986 13.89 54.89 6.31
N ARG B 987 14.20 56.16 6.54
CA ARG B 987 13.30 57.09 7.20
C ARG B 987 12.66 57.96 6.12
N THR B 988 11.49 57.53 5.64
CA THR B 988 10.76 58.31 4.65
C THR B 988 10.09 59.50 5.31
N SER B 989 9.80 60.52 4.49
CA SER B 989 9.15 61.72 5.02
C SER B 989 7.69 61.46 5.39
N VAL B 990 7.02 60.55 4.68
CA VAL B 990 5.63 60.25 4.95
C VAL B 990 5.47 59.63 6.34
N GLY B 991 6.33 58.66 6.67
CA GLY B 991 6.23 57.98 7.95
C GLY B 991 7.46 57.14 8.24
N LEU B 992 7.24 55.93 8.75
CA LEU B 992 8.31 54.96 8.99
C LEU B 992 8.02 53.72 8.19
N ARG B 993 8.95 53.34 7.31
CA ARG B 993 8.83 52.16 6.48
C ARG B 993 9.90 51.16 6.89
N LYS B 994 9.48 49.91 7.12
CA LYS B 994 10.38 48.86 7.61
C LYS B 994 10.37 47.69 6.64
N PRO B 995 11.27 47.66 5.66
CA PRO B 995 11.36 46.49 4.78
C PRO B 995 12.05 45.34 5.49
N ALA B 996 11.74 44.13 5.01
CA ALA B 996 12.28 42.92 5.63
C ALA B 996 13.74 42.70 5.24
N ILE B 997 14.02 42.59 3.94
CA ILE B 997 15.36 42.31 3.47
C ILE B 997 15.44 42.69 1.99
N ILE B 998 16.58 43.28 1.59
CA ILE B 998 16.82 43.68 0.21
C ILE B 998 18.05 42.96 -0.30
N ALA B 999 18.10 42.76 -1.62
CA ALA B 999 19.24 42.10 -2.24
C ALA B 999 19.37 42.59 -3.68
N SER B 1000 20.61 42.81 -4.11
CA SER B 1000 20.90 43.32 -5.45
C SER B 1000 21.95 42.45 -6.11
N ARG B 1001 21.88 42.38 -7.45
CA ARG B 1001 22.81 41.59 -8.23
C ARG B 1001 22.89 42.15 -9.65
N ASP B 1002 24.10 42.54 -10.06
CA ASP B 1002 24.37 42.98 -11.43
C ASP B 1002 23.49 44.15 -11.84
N GLY B 1003 23.27 45.08 -10.92
CA GLY B 1003 22.54 46.29 -11.21
C GLY B 1003 21.05 46.22 -10.99
N VAL B 1004 20.51 45.05 -10.65
CA VAL B 1004 19.08 44.88 -10.40
C VAL B 1004 18.90 44.46 -8.94
N GLY B 1005 17.91 45.04 -8.28
CA GLY B 1005 17.60 44.74 -6.90
C GLY B 1005 16.12 44.46 -6.71
N VAL B 1006 15.80 43.91 -5.54
CA VAL B 1006 14.42 43.62 -5.17
C VAL B 1006 14.25 43.86 -3.68
N ILE B 1007 13.07 44.33 -3.30
CA ILE B 1007 12.70 44.50 -1.90
C ILE B 1007 11.77 43.34 -1.56
N VAL B 1008 12.28 42.37 -0.80
CA VAL B 1008 11.52 41.18 -0.45
C VAL B 1008 11.07 41.31 1.00
N ASP B 1009 9.76 41.35 1.20
CA ASP B 1009 9.16 41.42 2.53
C ASP B 1009 8.42 40.10 2.77
N VAL B 1010 8.38 39.66 4.02
CA VAL B 1010 7.79 38.38 4.36
C VAL B 1010 6.51 38.61 5.15
N GLN B 1011 5.46 37.89 4.77
CA GLN B 1011 4.15 38.09 5.38
C GLN B 1011 3.52 36.73 5.64
N VAL B 1012 2.94 36.56 6.82
CA VAL B 1012 2.07 35.43 7.13
C VAL B 1012 0.72 35.99 7.55
N VAL B 1013 -0.30 35.75 6.73
CA VAL B 1013 -1.60 36.35 6.93
C VAL B 1013 -2.66 35.25 6.74
N SER B 1014 -3.87 35.52 7.20
CA SER B 1014 -4.96 34.56 7.11
C SER B 1014 -5.33 34.33 5.65
N GLY B 1015 -6.17 33.32 5.43
CA GLY B 1015 -6.51 32.93 4.07
C GLY B 1015 -7.99 33.06 3.77
N GLN B 1016 -8.75 33.65 4.71
CA GLN B 1016 -10.19 33.77 4.51
C GLN B 1016 -10.49 34.78 3.40
N ARG B 1017 -9.53 35.64 3.07
CA ARG B 1017 -9.53 36.37 1.80
C ARG B 1017 -8.58 35.70 0.82
N SER B 1018 -8.61 36.19 -0.42
CA SER B 1018 -7.75 35.63 -1.45
C SER B 1018 -6.29 36.01 -1.19
N LEU B 1019 -5.40 35.03 -1.35
CA LEU B 1019 -3.99 35.25 -1.05
C LEU B 1019 -3.35 36.25 -2.02
N ASP B 1020 -3.70 36.16 -3.31
CA ASP B 1020 -3.06 37.02 -4.31
C ASP B 1020 -3.37 38.49 -4.05
N GLU B 1021 -4.62 38.79 -3.68
CA GLU B 1021 -4.98 40.19 -3.40
C GLU B 1021 -4.21 40.72 -2.19
N LEU B 1022 -4.09 39.91 -1.14
CA LEU B 1022 -3.32 40.33 0.03
C LEU B 1022 -1.86 40.54 -0.32
N HIS B 1023 -1.31 39.68 -1.19
CA HIS B 1023 0.04 39.89 -1.68
C HIS B 1023 0.16 41.23 -2.42
N ARG B 1024 -0.83 41.54 -3.25
CA ARG B 1024 -0.79 42.79 -4.01
C ARG B 1024 -0.88 44.00 -3.07
N GLU B 1025 -1.61 43.87 -1.96
CA GLU B 1025 -1.78 45.01 -1.06
C GLU B 1025 -0.45 45.54 -0.53
N LYS B 1026 0.57 44.69 -0.37
CA LYS B 1026 1.89 45.18 -0.01
C LYS B 1026 2.83 45.26 -1.19
N ARG B 1027 2.59 44.49 -2.25
CA ARG B 1027 3.38 44.67 -3.48
C ARG B 1027 3.27 46.10 -4.00
N ASN B 1028 2.05 46.61 -4.13
CA ASN B 1028 1.86 47.98 -4.60
C ASN B 1028 2.41 49.00 -3.60
N LYS B 1029 2.19 48.76 -2.31
CA LYS B 1029 2.66 49.69 -1.28
C LYS B 1029 4.17 49.81 -1.28
N TYR B 1030 4.89 48.70 -1.41
CA TYR B 1030 6.35 48.73 -1.37
C TYR B 1030 6.99 49.09 -2.70
N GLY B 1031 6.30 48.86 -3.81
CA GLY B 1031 6.84 49.18 -5.12
C GLY B 1031 6.32 50.43 -5.77
N ASN B 1032 5.29 51.07 -5.19
CA ASN B 1032 4.71 52.28 -5.77
C ASN B 1032 4.67 53.43 -4.77
N HIS B 1033 5.51 53.40 -3.74
CA HIS B 1033 5.55 54.50 -2.79
C HIS B 1033 6.03 55.79 -3.45
N GLY B 1034 7.03 55.68 -4.34
CA GLY B 1034 7.53 56.80 -5.10
C GLY B 1034 8.78 57.42 -4.53
N GLU B 1035 9.16 57.08 -3.30
CA GLU B 1035 10.38 57.61 -2.70
C GLU B 1035 11.26 56.49 -2.15
N LEU B 1036 10.62 55.44 -1.64
CA LEU B 1036 11.38 54.32 -1.06
C LEU B 1036 12.21 53.61 -2.12
N VAL B 1037 11.67 53.43 -3.33
CA VAL B 1037 12.40 52.76 -4.39
C VAL B 1037 13.67 53.54 -4.74
N GLU B 1038 13.57 54.87 -4.79
CA GLU B 1038 14.76 55.68 -5.04
C GLU B 1038 15.79 55.50 -3.93
N LEU B 1039 15.34 55.44 -2.67
CA LEU B 1039 16.27 55.29 -1.56
C LEU B 1039 16.99 53.94 -1.62
N VAL B 1040 16.26 52.87 -1.89
CA VAL B 1040 16.91 51.56 -1.96
C VAL B 1040 17.81 51.47 -3.19
N ALA B 1041 17.43 52.13 -4.29
CA ALA B 1041 18.31 52.16 -5.46
C ALA B 1041 19.62 52.88 -5.13
N GLY B 1042 19.53 54.00 -4.43
CA GLY B 1042 20.74 54.71 -4.03
C GLY B 1042 21.60 53.92 -3.06
N ARG B 1043 20.95 53.21 -2.13
CA ARG B 1043 21.70 52.41 -1.15
C ARG B 1043 22.40 51.23 -1.83
N LEU B 1044 21.66 50.48 -2.65
CA LEU B 1044 22.24 49.30 -3.30
C LEU B 1044 23.30 49.70 -4.31
N GLY B 1045 23.07 50.76 -5.08
CA GLY B 1045 24.04 51.21 -6.06
C GLY B 1045 23.62 50.98 -7.49
N LEU B 1046 22.33 51.14 -7.78
CA LEU B 1046 21.81 51.02 -9.14
C LEU B 1046 21.14 52.32 -9.53
N PRO B 1047 21.46 52.90 -10.69
CA PRO B 1047 20.99 54.25 -11.02
C PRO B 1047 19.51 54.34 -11.36
N LYS B 1048 19.03 53.46 -12.24
CA LYS B 1048 17.67 53.56 -12.76
C LYS B 1048 16.71 52.92 -11.77
N ALA B 1049 15.75 53.72 -11.28
CA ALA B 1049 14.83 53.25 -10.25
C ALA B 1049 13.92 52.14 -10.73
N GLU B 1050 13.71 52.02 -12.05
CA GLU B 1050 12.83 50.99 -12.58
C GLU B 1050 13.45 49.60 -12.52
N CYS B 1051 14.77 49.50 -12.36
CA CYS B 1051 15.39 48.19 -12.22
C CYS B 1051 14.91 47.48 -10.96
N VAL B 1052 14.82 48.22 -9.85
CA VAL B 1052 14.35 47.65 -8.59
C VAL B 1052 12.83 47.68 -8.56
N ARG B 1053 12.24 46.63 -7.98
CA ARG B 1053 10.80 46.57 -7.79
C ARG B 1053 10.49 45.63 -6.64
N ALA B 1054 9.33 45.84 -6.02
CA ALA B 1054 8.97 45.13 -4.81
C ALA B 1054 8.61 43.68 -5.11
N THR B 1055 8.69 42.85 -4.07
CA THR B 1055 8.37 41.43 -4.16
C THR B 1055 8.03 40.96 -2.75
N SER B 1056 7.04 40.07 -2.66
CA SER B 1056 6.59 39.60 -1.35
C SER B 1056 6.55 38.08 -1.33
N CYS B 1057 6.60 37.53 -0.13
CA CYS B 1057 6.52 36.09 0.12
C CYS B 1057 5.39 35.87 1.12
N THR B 1058 4.17 35.72 0.60
CA THR B 1058 2.98 35.65 1.43
C THR B 1058 2.54 34.21 1.62
N ILE B 1059 2.55 33.77 2.88
CA ILE B 1059 2.19 32.40 3.24
C ILE B 1059 1.03 32.46 4.22
N SER B 1060 -0.02 31.67 3.97
CA SER B 1060 -1.08 31.57 4.94
C SER B 1060 -0.60 30.77 6.16
N TRP B 1061 -1.12 31.13 7.34
CA TRP B 1061 -0.60 30.53 8.56
C TRP B 1061 -0.87 29.04 8.66
N ARG B 1062 -1.72 28.49 7.80
CA ARG B 1062 -1.85 27.05 7.69
C ARG B 1062 -0.78 26.42 6.82
N GLY B 1063 0.08 27.22 6.19
CA GLY B 1063 1.14 26.70 5.36
C GLY B 1063 0.74 26.56 3.91
N VAL B 1064 0.12 27.60 3.36
CA VAL B 1064 -0.34 27.59 1.97
C VAL B 1064 0.38 28.72 1.23
N TRP B 1065 1.05 28.37 0.14
CA TRP B 1065 1.74 29.37 -0.67
C TRP B 1065 0.74 30.26 -1.40
N SER B 1066 1.18 31.44 -1.77
CA SER B 1066 0.41 32.35 -2.60
C SER B 1066 0.90 32.23 -4.04
N LEU B 1067 -0.02 32.00 -4.98
CA LEU B 1067 0.36 31.67 -6.33
C LEU B 1067 1.19 32.78 -6.97
N THR B 1068 0.71 34.02 -6.88
CA THR B 1068 1.47 35.13 -7.45
C THR B 1068 2.81 35.29 -6.75
N SER B 1069 2.80 35.21 -5.41
CA SER B 1069 4.05 35.34 -4.66
C SER B 1069 5.00 34.19 -4.98
N TYR B 1070 4.48 32.97 -5.06
CA TYR B 1070 5.34 31.82 -5.35
C TYR B 1070 5.94 31.93 -6.76
N LYS B 1071 5.13 32.31 -7.73
CA LYS B 1071 5.64 32.47 -9.10
C LYS B 1071 6.67 33.57 -9.18
N GLU B 1072 6.42 34.71 -8.53
CA GLU B 1072 7.38 35.80 -8.54
C GLU B 1072 8.69 35.39 -7.88
N LEU B 1073 8.60 34.72 -6.73
CA LEU B 1073 9.79 34.31 -6.01
C LEU B 1073 10.59 33.29 -6.82
N ARG B 1074 9.90 32.37 -7.50
CA ARG B 1074 10.60 31.42 -8.35
C ARG B 1074 11.26 32.11 -9.54
N SER B 1075 10.57 33.09 -10.14
CA SER B 1075 11.03 33.65 -11.42
C SER B 1075 12.08 34.74 -11.21
N ILE B 1076 11.81 35.70 -10.32
CA ILE B 1076 12.69 36.85 -10.19
C ILE B 1076 14.08 36.41 -9.74
N ILE B 1077 14.15 35.52 -8.75
CA ILE B 1077 15.40 35.06 -8.19
C ILE B 1077 15.40 33.54 -8.19
N GLY B 1078 16.54 32.94 -8.56
CA GLY B 1078 16.62 31.51 -8.69
C GLY B 1078 16.77 30.75 -7.39
N LEU B 1079 15.71 30.03 -7.00
CA LEU B 1079 15.75 29.12 -5.86
C LEU B 1079 15.21 27.76 -6.31
N ARG B 1080 15.90 26.69 -5.91
CA ARG B 1080 15.47 25.36 -6.27
C ARG B 1080 14.24 24.97 -5.45
N GLU B 1081 13.59 23.90 -5.90
CA GLU B 1081 12.36 23.44 -5.24
C GLU B 1081 12.52 23.12 -3.76
N PRO B 1082 13.59 22.45 -3.30
CA PRO B 1082 13.64 22.10 -1.86
C PRO B 1082 13.49 23.28 -0.93
N THR B 1083 14.04 24.44 -1.29
CA THR B 1083 13.91 25.61 -0.42
C THR B 1083 12.45 26.02 -0.26
N LEU B 1084 11.71 26.10 -1.36
CA LEU B 1084 10.31 26.51 -1.27
C LEU B 1084 9.45 25.46 -0.58
N GLN B 1085 9.90 24.20 -0.57
CA GLN B 1085 9.19 23.12 0.12
C GLN B 1085 9.17 23.29 1.62
N ILE B 1086 10.19 23.92 2.20
CA ILE B 1086 10.35 23.97 3.65
C ILE B 1086 9.63 25.16 4.28
N VAL B 1087 9.33 26.21 3.51
CA VAL B 1087 8.64 27.37 4.07
C VAL B 1087 7.30 27.00 4.70
N PRO B 1088 6.46 26.15 4.10
CA PRO B 1088 5.24 25.74 4.82
C PRO B 1088 5.53 25.06 6.14
N ILE B 1089 6.61 24.29 6.22
CA ILE B 1089 7.01 23.67 7.47
C ILE B 1089 7.30 24.74 8.52
N LEU B 1090 8.05 25.77 8.13
CA LEU B 1090 8.35 26.86 9.05
C LEU B 1090 7.09 27.59 9.49
N ALA B 1091 6.17 27.84 8.55
CA ALA B 1091 4.94 28.54 8.90
C ALA B 1091 4.11 27.73 9.89
N LEU B 1092 3.97 26.43 9.64
CA LEU B 1092 3.20 25.59 10.56
C LEU B 1092 3.86 25.50 11.93
N ARG B 1093 5.19 25.30 11.95
CA ARG B 1093 5.89 25.21 13.22
C ARG B 1093 5.78 26.51 14.01
N GLY B 1094 5.95 27.64 13.34
CA GLY B 1094 5.81 28.92 14.03
C GLY B 1094 4.41 29.14 14.55
N SER B 1095 3.39 28.78 13.76
CA SER B 1095 2.02 28.96 14.19
C SER B 1095 1.70 28.11 15.41
N HIS B 1096 2.12 26.83 15.40
CA HIS B 1096 1.82 25.99 16.54
C HIS B 1096 2.62 26.38 17.76
N MET B 1097 3.88 26.81 17.57
CA MET B 1097 4.65 27.33 18.69
C MET B 1097 4.00 28.57 19.27
N ASN B 1098 3.40 29.40 18.40
CA ASN B 1098 2.64 30.55 18.88
C ASN B 1098 1.44 30.11 19.70
N TRP B 1099 0.74 29.07 19.25
CA TRP B 1099 -0.40 28.57 20.02
C TRP B 1099 0.03 28.04 21.38
N THR B 1100 1.14 27.30 21.41
CA THR B 1100 1.65 26.79 22.70
C THR B 1100 2.12 27.93 23.60
N ARG B 1101 2.74 28.96 23.03
CA ARG B 1101 3.12 30.13 23.82
C ARG B 1101 1.88 30.79 24.43
N PHE B 1102 0.82 30.95 23.64
CA PHE B 1102 -0.41 31.55 24.16
C PHE B 1102 -1.01 30.70 25.26
N ASN B 1103 -1.04 29.38 25.07
CA ASN B 1103 -1.69 28.51 26.04
C ASN B 1103 -0.79 28.13 27.21
N GLN B 1104 0.49 28.53 27.19
CA GLN B 1104 1.41 28.14 28.25
C GLN B 1104 1.00 28.75 29.59
N MET B 1105 0.57 30.01 29.57
CA MET B 1105 0.14 30.69 30.79
C MET B 1105 -1.22 31.32 30.57
N THR B 1106 -1.91 31.60 31.68
CA THR B 1106 -3.23 32.21 31.62
C THR B 1106 -3.38 33.36 32.61
N SER B 1107 -2.31 33.74 33.31
CA SER B 1107 -2.35 34.82 34.29
C SER B 1107 -3.42 34.59 35.35
ZN ZN C . -6.77 38.24 22.11
#